data_6N9J
#
_entry.id   6N9J
#
_cell.length_a   61.961
_cell.length_b   98.964
_cell.length_c   68.334
_cell.angle_alpha   90.00
_cell.angle_beta   89.90
_cell.angle_gamma   90.00
#
_symmetry.space_group_name_H-M   'P 1 21 1'
#
loop_
_entity.id
_entity.type
_entity.pdbx_description
1 polymer 'Clostripain-related protein'
2 polymer 'Covalently bound peptide inhibitor'
3 water water
#
loop_
_entity_poly.entity_id
_entity_poly.type
_entity_poly.pdbx_seq_one_letter_code
_entity_poly.pdbx_strand_id
1 'polypeptide(L)'
;GEEDKTNYGSRTVLVYIAGDNSLSRFASEDLNEMIEGMQSVDDNHNNLLVYMDKGSNPKLIRLRKDKDVVVQDVIATYDA
QNSVDVDVMKNVFTTAFSHYPADSYGVVFWSHGDGWLPYNNPSTRWWGQDTGNGDNRMNIPDLNEALSVAPHFDFILFDA
CYMQSVEVVYQLRNRADYFIGSPTEIPGPGAPYEVVVPALFAVNSPAVSIAENYYSVYAKKYNSTGAGISNENWTGGVSI
SVIKSSELSALAAATRDVLQTAVSMQQSHNIDISSILCYDPLRENNYHDLMGLMQSIQGNSQAFNHYKEMYKNAVIWKNT
TDNNYCTYSSGYGKMVSMDGFEGVSTYILRENNSSQEKYYRQFVEWYSAADWDSVDW
;
A,B
2 'polypeptide(L)' (ACE)VLT(CKC) C,D
#
loop_
_chem_comp.id
_chem_comp.type
_chem_comp.name
_chem_comp.formula
ACE non-polymer 'ACETYL GROUP' 'C2 H4 O'
CKC non-polymer (3S)-3,7-diaminoheptan-2-one 'C7 H16 N2 O'
#
# COMPACT_ATOMS: atom_id res chain seq x y z
N TYR A 8 -0.69 9.13 12.11
CA TYR A 8 -0.62 9.16 10.65
C TYR A 8 -0.33 10.54 10.10
N GLY A 9 0.47 10.58 9.04
CA GLY A 9 0.62 11.77 8.23
C GLY A 9 -0.09 11.57 6.91
N SER A 10 -0.10 12.61 6.09
CA SER A 10 -0.64 12.47 4.75
C SER A 10 0.38 11.67 3.94
N ARG A 11 1.67 11.94 4.13
CA ARG A 11 2.70 11.20 3.41
C ARG A 11 4.00 11.03 4.20
N THR A 12 4.60 9.85 4.04
CA THR A 12 5.94 9.56 4.52
C THR A 12 6.87 9.29 3.33
N VAL A 13 7.91 10.11 3.19
CA VAL A 13 8.94 9.85 2.18
C VAL A 13 10.23 9.47 2.88
N LEU A 14 10.78 8.32 2.49
CA LEU A 14 12.08 7.87 2.95
C LEU A 14 13.18 8.20 1.93
N VAL A 15 14.21 8.94 2.35
CA VAL A 15 15.40 9.08 1.52
C VAL A 15 16.45 8.07 1.95
N TYR A 16 16.76 7.14 1.05
CA TYR A 16 17.61 6.00 1.39
C TYR A 16 19.01 6.19 0.79
N ILE A 17 19.97 6.49 1.66
CA ILE A 17 21.31 6.84 1.19
C ILE A 17 22.32 5.75 1.43
N ALA A 18 22.55 4.93 0.40
CA ALA A 18 23.66 3.97 0.42
C ALA A 18 24.92 4.68 -0.08
N GLY A 19 25.63 5.30 0.85
CA GLY A 19 26.75 6.14 0.48
C GLY A 19 28.11 5.69 0.99
N ASP A 20 28.23 4.41 1.35
CA ASP A 20 29.56 3.91 1.70
C ASP A 20 30.27 3.45 0.45
N ASN A 21 30.88 4.42 -0.22
CA ASN A 21 31.41 4.28 -1.56
C ASN A 21 31.93 5.65 -1.96
N SER A 22 32.33 5.79 -3.23
CA SER A 22 32.99 7.01 -3.69
C SER A 22 32.13 8.29 -3.55
N LEU A 23 30.82 8.10 -3.39
CA LEU A 23 29.89 9.24 -3.35
C LEU A 23 29.74 9.81 -1.95
N SER A 24 30.48 9.26 -0.99
CA SER A 24 30.28 9.62 0.42
C SER A 24 30.38 11.13 0.65
N ARG A 25 31.18 11.80 -0.18
CA ARG A 25 31.43 13.23 -0.06
C ARG A 25 30.22 14.11 -0.43
N PHE A 26 29.19 13.53 -1.06
CA PHE A 26 28.02 14.32 -1.45
C PHE A 26 26.86 14.21 -0.44
N ALA A 27 26.86 13.14 0.35
CA ALA A 27 25.70 12.79 1.19
C ALA A 27 25.30 13.90 2.18
N SER A 28 26.24 14.33 3.03
CA SER A 28 25.93 15.33 4.08
C SER A 28 25.39 16.64 3.49
N GLU A 29 25.94 17.03 2.34
CA GLU A 29 25.50 18.21 1.62
C GLU A 29 24.04 18.12 1.20
N ASP A 30 23.65 16.97 0.64
CA ASP A 30 22.25 16.73 0.29
C ASP A 30 21.38 16.74 1.56
N LEU A 31 21.92 16.21 2.66
CA LEU A 31 21.21 16.27 3.93
C LEU A 31 20.98 17.73 4.37
N ASN A 32 22.01 18.56 4.26
CA ASN A 32 21.86 19.98 4.54
C ASN A 32 20.82 20.65 3.61
N GLU A 33 20.76 20.22 2.35
CA GLU A 33 19.76 20.73 1.42
C GLU A 33 18.37 20.30 1.85
N MET A 34 18.25 19.06 2.30
CA MET A 34 16.97 18.52 2.74
C MET A 34 16.43 19.33 3.90
N ILE A 35 17.33 19.70 4.80
CA ILE A 35 16.97 20.44 6.00
C ILE A 35 16.45 21.83 5.65
N GLU A 36 17.07 22.47 4.66
CA GLU A 36 16.58 23.74 4.15
C GLU A 36 15.21 23.58 3.47
N GLY A 37 14.99 22.45 2.81
CA GLY A 37 13.74 22.20 2.13
C GLY A 37 12.56 21.96 3.05
N MET A 38 12.82 21.57 4.29
CA MET A 38 11.73 21.34 5.24
C MET A 38 11.04 22.64 5.67
N GLN A 39 11.64 23.79 5.35
CA GLN A 39 11.05 25.08 5.72
C GLN A 39 9.71 25.31 5.01
N SER A 40 9.58 24.81 3.80
CA SER A 40 8.33 24.98 3.05
C SER A 40 7.40 23.80 3.24
N VAL A 41 7.76 22.90 4.16
CA VAL A 41 6.96 21.71 4.40
C VAL A 41 6.34 21.74 5.80
N ASP A 42 5.05 21.42 5.90
CA ASP A 42 4.38 21.30 7.18
C ASP A 42 4.56 19.89 7.75
N ASP A 43 5.45 19.75 8.74
CA ASP A 43 5.80 18.45 9.31
C ASP A 43 4.70 17.87 10.22
N ASN A 44 3.57 18.57 10.35
CA ASN A 44 2.43 18.04 11.07
C ASN A 44 1.81 16.84 10.35
N HIS A 45 1.87 16.86 9.02
CA HIS A 45 1.22 15.83 8.21
C HIS A 45 2.22 15.08 7.33
N ASN A 46 3.44 15.58 7.25
CA ASN A 46 4.43 15.07 6.32
C ASN A 46 5.68 14.58 7.03
N ASN A 47 6.09 13.34 6.75
CA ASN A 47 7.27 12.77 7.38
C ASN A 47 8.42 12.54 6.39
N LEU A 48 9.48 13.32 6.54
CA LEU A 48 10.70 13.11 5.77
C LEU A 48 11.70 12.31 6.60
N LEU A 49 11.89 11.04 6.22
CA LEU A 49 12.81 10.13 6.90
C LEU A 49 14.08 9.98 6.06
N VAL A 50 15.23 9.86 6.72
CA VAL A 50 16.48 9.69 6.01
C VAL A 50 17.29 8.56 6.65
N TYR A 51 17.57 7.53 5.86
CA TYR A 51 18.53 6.50 6.25
C TYR A 51 19.87 6.85 5.62
N MET A 52 20.87 7.07 6.45
CA MET A 52 22.13 7.63 5.99
C MET A 52 23.31 6.72 6.31
N ASP A 53 23.93 6.15 5.27
CA ASP A 53 25.12 5.32 5.47
C ASP A 53 26.29 5.88 4.67
N LYS A 54 27.23 6.50 5.37
CA LYS A 54 28.43 7.07 4.78
C LYS A 54 29.67 6.25 5.11
N GLY A 55 29.49 5.15 5.84
CA GLY A 55 30.62 4.29 6.17
C GLY A 55 30.72 3.89 7.62
N SER A 56 30.58 4.87 8.52
CA SER A 56 30.70 4.61 9.95
C SER A 56 29.49 3.86 10.49
N ASN A 57 28.74 4.51 11.37
CA ASN A 57 27.58 3.88 11.98
C ASN A 57 26.30 4.53 11.46
N PRO A 58 25.65 3.85 10.51
CA PRO A 58 24.42 4.36 9.87
C PRO A 58 23.36 4.79 10.90
N LYS A 59 22.43 5.61 10.43
CA LYS A 59 21.34 6.08 11.27
C LYS A 59 20.09 6.25 10.42
N LEU A 60 18.94 6.08 11.05
CA LEU A 60 17.66 6.37 10.44
C LEU A 60 17.06 7.53 11.21
N ILE A 61 16.89 8.68 10.57
CA ILE A 61 16.30 9.84 11.27
C ILE A 61 15.03 10.34 10.63
N ARG A 62 14.38 11.23 11.36
CA ARG A 62 13.25 11.99 10.87
C ARG A 62 13.54 13.47 11.11
N LEU A 63 13.28 14.29 10.10
CA LEU A 63 13.48 15.72 10.23
C LEU A 63 12.22 16.39 10.77
N ARG A 64 12.37 17.14 11.86
CA ARG A 64 11.23 17.73 12.53
C ARG A 64 11.50 19.22 12.76
N LYS A 65 10.46 20.04 12.73
CA LYS A 65 10.63 21.46 13.00
C LYS A 65 10.24 21.83 14.43
N ASP A 66 11.10 22.60 15.09
CA ASP A 66 10.81 23.16 16.40
C ASP A 66 10.11 24.49 16.18
N LYS A 67 10.86 25.46 15.66
CA LYS A 67 10.29 26.73 15.22
C LYS A 67 10.71 26.96 13.78
N ASP A 68 11.83 27.65 13.62
CA ASP A 68 12.45 27.82 12.31
C ASP A 68 13.68 26.92 12.19
N VAL A 69 13.92 26.11 13.22
CA VAL A 69 15.02 25.16 13.20
C VAL A 69 14.51 23.74 12.94
N VAL A 70 15.18 23.03 12.03
CA VAL A 70 14.89 21.61 11.81
C VAL A 70 15.77 20.75 12.70
N VAL A 71 15.17 19.76 13.36
CA VAL A 71 15.87 18.88 14.27
C VAL A 71 15.87 17.46 13.75
N GLN A 72 17.02 16.78 13.84
CA GLN A 72 17.13 15.39 13.39
C GLN A 72 16.81 14.38 14.49
N ASP A 73 15.54 14.00 14.61
CA ASP A 73 15.16 12.97 15.55
C ASP A 73 15.65 11.60 15.07
N VAL A 74 16.37 10.90 15.93
CA VAL A 74 16.89 9.58 15.59
C VAL A 74 15.88 8.48 15.93
N ILE A 75 15.47 7.75 14.90
CA ILE A 75 14.56 6.62 15.05
C ILE A 75 15.35 5.38 15.42
N ALA A 76 16.41 5.12 14.68
CA ALA A 76 17.24 3.95 14.93
C ALA A 76 18.68 4.19 14.49
N THR A 77 19.58 3.52 15.17
CA THR A 77 20.98 3.63 14.87
C THR A 77 21.47 2.22 14.60
N TYR A 78 22.54 2.09 13.82
CA TYR A 78 23.01 0.78 13.40
C TYR A 78 24.52 0.62 13.52
N ASP A 79 24.96 -0.61 13.67
CA ASP A 79 26.37 -0.94 13.45
C ASP A 79 26.69 -0.71 11.98
N ALA A 80 27.97 -0.57 11.65
CA ALA A 80 28.39 -0.55 10.25
C ALA A 80 27.79 -1.76 9.54
N GLN A 81 27.13 -1.52 8.42
CA GLN A 81 26.44 -2.60 7.73
C GLN A 81 26.37 -2.43 6.23
N ASN A 82 26.06 -3.51 5.53
CA ASN A 82 25.93 -3.50 4.07
C ASN A 82 24.55 -3.00 3.69
N SER A 83 24.49 -1.74 3.27
CA SER A 83 23.22 -1.08 3.03
C SER A 83 22.53 -1.49 1.72
N VAL A 84 23.13 -2.41 0.97
CA VAL A 84 22.46 -2.93 -0.22
C VAL A 84 22.23 -4.45 -0.08
N ASP A 85 22.38 -4.96 1.14
CA ASP A 85 21.97 -6.32 1.46
C ASP A 85 20.44 -6.35 1.67
N VAL A 86 19.78 -7.42 1.25
CA VAL A 86 18.32 -7.42 1.20
C VAL A 86 17.68 -7.30 2.57
N ASP A 87 18.21 -8.04 3.53
CA ASP A 87 17.67 -8.09 4.88
C ASP A 87 17.96 -6.80 5.64
N VAL A 88 19.03 -6.12 5.28
CA VAL A 88 19.34 -4.82 5.86
C VAL A 88 18.31 -3.77 5.43
N MET A 89 18.09 -3.68 4.12
CA MET A 89 17.15 -2.74 3.52
C MET A 89 15.73 -3.01 3.96
N LYS A 90 15.38 -4.29 4.04
CA LYS A 90 14.08 -4.70 4.56
C LYS A 90 13.88 -4.20 6.00
N ASN A 91 14.89 -4.38 6.83
CA ASN A 91 14.80 -3.92 8.22
C ASN A 91 14.63 -2.40 8.30
N VAL A 92 15.38 -1.68 7.49
CA VAL A 92 15.24 -0.22 7.42
C VAL A 92 13.81 0.15 7.03
N PHE A 93 13.29 -0.48 5.97
CA PHE A 93 11.94 -0.25 5.48
C PHE A 93 10.89 -0.51 6.55
N THR A 94 10.96 -1.69 7.15
CA THR A 94 9.98 -2.15 8.12
C THR A 94 9.88 -1.17 9.29
N THR A 95 11.03 -0.73 9.77
CA THR A 95 11.11 0.23 10.86
C THR A 95 10.54 1.59 10.46
N ALA A 96 10.97 2.07 9.30
CA ALA A 96 10.61 3.40 8.83
C ALA A 96 9.10 3.58 8.69
N PHE A 97 8.45 2.63 8.03
CA PHE A 97 7.05 2.80 7.68
C PHE A 97 6.14 2.29 8.78
N SER A 98 6.73 1.62 9.77
CA SER A 98 5.98 1.22 10.96
C SER A 98 5.89 2.37 11.95
N HIS A 99 6.99 3.10 12.14
CA HIS A 99 6.98 4.23 13.06
C HIS A 99 6.18 5.38 12.47
N TYR A 100 6.11 5.46 11.15
CA TYR A 100 5.43 6.58 10.51
C TYR A 100 4.52 6.15 9.36
N PRO A 101 3.40 5.51 9.70
CA PRO A 101 2.39 5.20 8.69
C PRO A 101 1.82 6.48 8.10
N ALA A 102 1.28 6.41 6.89
CA ALA A 102 0.69 7.58 6.27
C ALA A 102 -0.34 7.16 5.22
N ASP A 103 -1.02 8.13 4.63
CA ASP A 103 -1.97 7.84 3.59
C ASP A 103 -1.29 7.54 2.24
N SER A 104 -0.10 8.10 2.05
CA SER A 104 0.66 7.84 0.83
C SER A 104 2.16 7.76 1.13
N TYR A 105 2.91 7.15 0.23
CA TYR A 105 4.33 6.89 0.45
C TYR A 105 5.20 7.20 -0.77
N GLY A 106 6.42 7.67 -0.50
CA GLY A 106 7.41 7.87 -1.53
C GLY A 106 8.77 7.40 -1.03
N VAL A 107 9.70 7.21 -1.96
CA VAL A 107 11.04 6.77 -1.59
C VAL A 107 12.06 7.30 -2.60
N VAL A 108 13.25 7.64 -2.09
CA VAL A 108 14.36 8.06 -2.94
C VAL A 108 15.54 7.11 -2.75
N PHE A 109 16.00 6.48 -3.82
CA PHE A 109 17.18 5.62 -3.73
C PHE A 109 18.40 6.38 -4.19
N TRP A 110 19.26 6.71 -3.23
CA TRP A 110 20.45 7.54 -3.44
C TRP A 110 21.71 6.69 -3.41
N SER A 111 22.36 6.52 -4.55
CA SER A 111 23.59 5.74 -4.65
C SER A 111 24.13 5.70 -6.07
N HIS A 112 25.09 4.80 -6.27
CA HIS A 112 25.47 4.36 -7.61
C HIS A 112 24.35 3.54 -8.24
N GLY A 113 24.33 3.49 -9.56
CA GLY A 113 23.35 2.71 -10.30
C GLY A 113 23.90 2.29 -11.64
N ASP A 114 23.40 1.19 -12.18
CA ASP A 114 23.79 0.73 -13.52
C ASP A 114 22.64 -0.10 -14.11
N GLY A 115 21.44 0.47 -14.07
CA GLY A 115 20.28 -0.15 -14.69
C GLY A 115 20.01 -1.58 -14.25
N TRP A 116 19.82 -2.46 -15.22
CA TRP A 116 19.42 -3.83 -14.97
C TRP A 116 20.61 -4.78 -14.84
N LEU A 117 21.79 -4.29 -15.18
CA LEU A 117 22.96 -5.16 -15.36
C LEU A 117 23.27 -6.01 -14.13
N PRO A 118 23.58 -7.30 -14.36
CA PRO A 118 23.88 -8.24 -13.27
C PRO A 118 25.23 -7.95 -12.61
N TYR A 119 25.29 -8.12 -11.29
CA TYR A 119 26.53 -8.02 -10.54
C TYR A 119 26.61 -9.17 -9.54
N ASN A 120 27.69 -9.93 -9.57
CA ASN A 120 27.85 -11.04 -8.66
C ASN A 120 28.54 -10.60 -7.35
N ASN A 121 27.78 -10.64 -6.26
CA ASN A 121 28.31 -10.28 -4.93
C ASN A 121 29.25 -11.35 -4.36
N PRO A 122 30.36 -10.91 -3.73
CA PRO A 122 31.36 -11.81 -3.15
C PRO A 122 30.79 -12.83 -2.15
N TRP A 126 22.20 -3.12 -12.03
CA TRP A 126 22.18 -3.14 -10.57
C TRP A 126 22.03 -1.73 -9.99
N TRP A 127 21.57 -1.65 -8.74
CA TRP A 127 21.51 -0.37 -8.05
C TRP A 127 22.29 -0.43 -6.74
N GLY A 128 23.00 0.65 -6.43
CA GLY A 128 23.55 0.78 -5.08
C GLY A 128 24.87 0.06 -4.90
N GLN A 129 25.76 0.71 -4.16
CA GLN A 129 27.03 0.10 -3.84
C GLN A 129 27.37 0.35 -2.38
N ASP A 130 27.91 -0.68 -1.74
CA ASP A 130 28.46 -0.58 -0.40
C ASP A 130 29.83 -1.26 -0.44
N THR A 131 30.89 -0.48 -0.21
CA THR A 131 32.25 -1.03 -0.21
C THR A 131 32.84 -1.20 1.19
N GLY A 132 31.97 -1.24 2.21
CA GLY A 132 32.39 -1.38 3.59
C GLY A 132 33.19 -2.65 3.87
N ASN A 133 32.66 -3.79 3.45
CA ASN A 133 33.37 -5.06 3.57
C ASN A 133 33.29 -5.81 2.25
N GLY A 134 34.17 -5.47 1.32
CA GLY A 134 34.08 -5.96 -0.04
C GLY A 134 33.17 -5.08 -0.88
N ASP A 135 33.14 -5.35 -2.19
CA ASP A 135 32.34 -4.58 -3.12
C ASP A 135 30.97 -5.23 -3.30
N ASN A 136 29.95 -4.67 -2.64
CA ASN A 136 28.59 -5.18 -2.76
C ASN A 136 27.65 -4.27 -3.54
N ARG A 137 26.81 -4.86 -4.38
CA ARG A 137 25.84 -4.11 -5.18
C ARG A 137 24.53 -4.88 -5.20
N MET A 138 23.43 -4.17 -5.47
CA MET A 138 22.13 -4.81 -5.39
C MET A 138 21.58 -5.13 -6.79
N ASN A 139 21.23 -6.39 -7.00
CA ASN A 139 20.61 -6.79 -8.25
C ASN A 139 19.12 -6.41 -8.23
N ILE A 140 18.57 -6.04 -9.37
CA ILE A 140 17.21 -5.51 -9.41
C ILE A 140 16.16 -6.52 -8.88
N PRO A 141 16.32 -7.83 -9.16
CA PRO A 141 15.42 -8.76 -8.45
C PRO A 141 15.53 -8.72 -6.92
N ASP A 142 16.72 -8.44 -6.39
CA ASP A 142 16.91 -8.29 -4.94
C ASP A 142 16.22 -7.02 -4.43
N LEU A 143 16.34 -5.94 -5.19
CA LEU A 143 15.64 -4.69 -4.85
C LEU A 143 14.13 -4.90 -4.85
N ASN A 144 13.61 -5.67 -5.80
CA ASN A 144 12.18 -5.93 -5.89
C ASN A 144 11.69 -6.78 -4.72
N GLU A 145 12.58 -7.61 -4.20
CA GLU A 145 12.25 -8.43 -3.03
C GLU A 145 12.23 -7.58 -1.76
N ALA A 146 13.17 -6.65 -1.63
CA ALA A 146 13.19 -5.79 -0.45
C ALA A 146 11.94 -4.92 -0.46
N LEU A 147 11.64 -4.34 -1.62
CA LEU A 147 10.45 -3.52 -1.79
C LEU A 147 9.15 -4.25 -1.45
N SER A 148 9.21 -5.59 -1.36
CA SER A 148 8.01 -6.39 -1.15
C SER A 148 7.45 -6.25 0.29
N VAL A 149 8.31 -5.87 1.24
CA VAL A 149 7.88 -5.67 2.61
C VAL A 149 7.51 -4.22 2.86
N ALA A 150 7.73 -3.38 1.84
CA ALA A 150 7.44 -1.96 1.92
C ALA A 150 6.00 -1.70 1.48
N PRO A 151 5.46 -0.52 1.83
CA PRO A 151 4.17 -0.14 1.26
C PRO A 151 4.27 0.14 -0.25
N HIS A 152 3.13 0.21 -0.92
CA HIS A 152 3.12 0.58 -2.32
C HIS A 152 3.38 2.08 -2.42
N PHE A 153 4.29 2.49 -3.30
CA PHE A 153 4.68 3.89 -3.38
C PHE A 153 3.94 4.68 -4.46
N ASP A 154 3.60 5.92 -4.13
CA ASP A 154 3.16 6.87 -5.14
C ASP A 154 4.27 7.11 -6.15
N PHE A 155 5.52 7.12 -5.68
CA PHE A 155 6.66 7.33 -6.57
C PHE A 155 7.96 6.77 -6.03
N ILE A 156 8.85 6.44 -6.95
CA ILE A 156 10.24 6.14 -6.61
C ILE A 156 11.15 7.08 -7.40
N LEU A 157 12.03 7.78 -6.70
CA LEU A 157 13.01 8.61 -7.39
C LEU A 157 14.37 7.95 -7.27
N PHE A 158 14.95 7.58 -8.41
CA PHE A 158 16.31 7.08 -8.42
C PHE A 158 17.27 8.23 -8.59
N ASP A 159 17.91 8.61 -7.50
CA ASP A 159 18.99 9.58 -7.57
C ASP A 159 20.30 8.82 -7.79
N ALA A 160 20.39 8.20 -8.95
CA ALA A 160 21.41 7.23 -9.30
C ALA A 160 21.49 7.10 -10.83
N CYS A 161 22.67 6.78 -11.35
CA CYS A 161 22.89 6.68 -12.79
C CYS A 161 22.10 5.56 -13.46
N TYR A 162 21.62 5.85 -14.68
CA TYR A 162 21.19 4.83 -15.64
C TYR A 162 19.96 4.06 -15.22
N MET A 163 19.20 4.57 -14.26
CA MET A 163 18.12 3.78 -13.68
C MET A 163 16.82 3.88 -14.47
N GLN A 164 16.66 4.93 -15.27
CA GLN A 164 15.45 5.10 -16.08
C GLN A 164 15.55 4.22 -17.34
N SER A 165 15.58 2.91 -17.08
CA SER A 165 15.62 1.83 -18.04
C SER A 165 14.28 1.09 -18.06
N VAL A 166 13.80 0.74 -19.24
CA VAL A 166 12.49 0.11 -19.38
C VAL A 166 12.51 -1.28 -18.75
N GLU A 167 13.70 -1.90 -18.73
CA GLU A 167 13.87 -3.21 -18.10
C GLU A 167 13.70 -3.12 -16.56
N VAL A 168 14.28 -2.08 -15.98
CA VAL A 168 14.22 -1.87 -14.54
C VAL A 168 12.81 -1.50 -14.08
N VAL A 169 12.25 -0.51 -14.74
CA VAL A 169 10.92 -0.03 -14.42
C VAL A 169 9.87 -1.13 -14.63
N TYR A 170 9.99 -1.92 -15.70
CA TYR A 170 9.05 -3.02 -15.89
C TYR A 170 9.21 -4.06 -14.77
N GLN A 171 10.45 -4.37 -14.39
CA GLN A 171 10.71 -5.35 -13.33
C GLN A 171 10.14 -4.93 -11.97
N LEU A 172 10.15 -3.63 -11.72
CA LEU A 172 9.66 -3.05 -10.47
C LEU A 172 8.28 -2.42 -10.60
N ARG A 173 7.55 -2.69 -11.68
CA ARG A 173 6.32 -1.93 -11.98
C ARG A 173 5.23 -2.03 -10.90
N ASN A 174 5.21 -3.15 -10.16
CA ASN A 174 4.17 -3.35 -9.16
C ASN A 174 4.51 -2.73 -7.81
N ARG A 175 5.62 -2.00 -7.74
CA ARG A 175 6.09 -1.42 -6.49
C ARG A 175 5.75 0.07 -6.35
N ALA A 176 5.53 0.74 -7.48
CA ALA A 176 5.23 2.17 -7.47
C ALA A 176 4.37 2.60 -8.64
N ASP A 177 3.67 3.72 -8.50
CA ASP A 177 2.88 4.28 -9.59
C ASP A 177 3.74 5.07 -10.59
N TYR A 178 4.85 5.64 -10.13
CA TYR A 178 5.68 6.47 -10.99
C TYR A 178 7.16 6.29 -10.68
N PHE A 179 7.99 6.37 -11.71
CA PHE A 179 9.43 6.25 -11.57
C PHE A 179 10.10 7.51 -12.13
N ILE A 180 10.93 8.14 -11.31
CA ILE A 180 11.64 9.34 -11.74
C ILE A 180 13.13 9.04 -11.78
N GLY A 181 13.75 9.27 -12.95
CA GLY A 181 15.18 9.04 -13.09
C GLY A 181 15.79 9.55 -14.37
N SER A 182 17.08 9.28 -14.56
CA SER A 182 17.80 9.60 -15.81
C SER A 182 18.16 8.30 -16.50
N PRO A 183 18.07 8.29 -17.85
CA PRO A 183 18.57 7.11 -18.57
C PRO A 183 20.09 7.13 -18.73
N THR A 184 20.68 8.29 -18.48
CA THR A 184 22.12 8.43 -18.60
C THR A 184 22.73 8.67 -17.21
N GLU A 185 23.95 9.17 -17.15
CA GLU A 185 24.60 9.43 -15.88
C GLU A 185 23.97 10.61 -15.15
N ILE A 186 23.81 10.44 -13.84
CA ILE A 186 23.33 11.49 -12.94
C ILE A 186 24.52 12.23 -12.33
N PRO A 187 24.47 13.57 -12.29
CA PRO A 187 25.58 14.34 -11.71
C PRO A 187 25.88 13.94 -10.26
N GLY A 188 27.17 13.88 -9.93
CA GLY A 188 27.61 13.71 -8.55
C GLY A 188 26.72 14.34 -7.50
N PRO A 189 26.51 15.68 -7.58
CA PRO A 189 25.72 16.41 -6.58
C PRO A 189 24.27 15.95 -6.47
N GLY A 190 23.78 15.20 -7.46
CA GLY A 190 22.42 14.69 -7.42
C GLY A 190 21.35 15.76 -7.35
N ALA A 191 20.23 15.44 -6.70
CA ALA A 191 19.13 16.37 -6.61
C ALA A 191 19.49 17.61 -5.81
N PRO A 192 18.87 18.74 -6.19
CA PRO A 192 18.80 19.97 -5.39
C PRO A 192 17.68 19.85 -4.34
N TYR A 193 18.00 19.23 -3.21
CA TYR A 193 16.98 18.82 -2.26
C TYR A 193 16.33 19.99 -1.55
N GLU A 194 16.84 21.19 -1.79
CA GLU A 194 16.21 22.38 -1.23
C GLU A 194 14.91 22.72 -1.97
N VAL A 195 14.75 22.22 -3.21
CA VAL A 195 13.47 22.40 -3.91
C VAL A 195 12.79 21.07 -4.25
N VAL A 196 13.55 19.97 -4.27
CA VAL A 196 12.94 18.66 -4.47
C VAL A 196 12.14 18.19 -3.23
N VAL A 197 12.62 18.52 -2.02
CA VAL A 197 11.94 18.05 -0.80
C VAL A 197 10.48 18.53 -0.69
N PRO A 198 10.21 19.83 -0.92
CA PRO A 198 8.78 20.17 -0.91
C PRO A 198 8.00 19.48 -2.03
N ALA A 199 8.64 19.21 -3.18
CA ALA A 199 7.95 18.52 -4.27
C ALA A 199 7.66 17.06 -3.92
N LEU A 200 8.49 16.47 -3.07
CA LEU A 200 8.26 15.09 -2.59
C LEU A 200 6.91 14.98 -1.84
N PHE A 201 6.43 16.11 -1.31
CA PHE A 201 5.21 16.12 -0.51
C PHE A 201 4.09 16.89 -1.20
N ALA A 202 4.30 17.22 -2.48
CA ALA A 202 3.27 17.88 -3.26
C ALA A 202 2.02 17.02 -3.26
N VAL A 203 0.89 17.67 -3.00
CA VAL A 203 -0.38 16.96 -2.99
C VAL A 203 -0.79 16.56 -4.41
N ASN A 204 -0.47 17.41 -5.40
CA ASN A 204 -0.81 17.12 -6.78
C ASN A 204 0.41 16.77 -7.62
N SER A 205 0.35 15.61 -8.29
CA SER A 205 1.42 15.14 -9.19
C SER A 205 2.84 15.28 -8.64
N PRO A 206 3.15 14.59 -7.52
CA PRO A 206 4.52 14.72 -6.98
C PRO A 206 5.64 14.30 -7.94
N ALA A 207 5.41 13.28 -8.78
CA ALA A 207 6.47 12.81 -9.66
C ALA A 207 6.87 13.89 -10.65
N VAL A 208 5.87 14.53 -11.25
CA VAL A 208 6.11 15.64 -12.16
C VAL A 208 6.77 16.79 -11.40
N SER A 209 6.24 17.11 -10.22
CA SER A 209 6.81 18.17 -9.38
C SER A 209 8.28 17.92 -9.07
N ILE A 210 8.60 16.67 -8.73
CA ILE A 210 9.98 16.31 -8.40
C ILE A 210 10.87 16.52 -9.62
N ALA A 211 10.38 16.07 -10.78
CA ALA A 211 11.13 16.15 -12.03
C ALA A 211 11.42 17.60 -12.44
N GLU A 212 10.38 18.42 -12.43
CA GLU A 212 10.49 19.82 -12.82
C GLU A 212 11.49 20.54 -11.93
N ASN A 213 11.43 20.28 -10.63
CA ASN A 213 12.29 20.98 -9.68
C ASN A 213 13.72 20.46 -9.78
N TYR A 214 13.86 19.15 -9.93
CA TYR A 214 15.18 18.57 -10.15
C TYR A 214 15.80 19.23 -11.40
N TYR A 215 15.15 19.06 -12.56
CA TYR A 215 15.67 19.59 -13.81
C TYR A 215 16.00 21.08 -13.78
N SER A 216 15.12 21.88 -13.18
CA SER A 216 15.22 23.33 -13.31
C SER A 216 16.51 23.92 -12.72
N VAL A 217 17.02 23.34 -11.65
CA VAL A 217 18.24 23.89 -11.07
C VAL A 217 19.43 23.63 -11.99
N TYR A 218 19.51 22.43 -12.55
CA TYR A 218 20.60 22.09 -13.45
C TYR A 218 20.49 22.85 -14.77
N ALA A 219 19.27 22.99 -15.27
CA ALA A 219 19.00 23.76 -16.48
C ALA A 219 19.46 25.21 -16.36
N LYS A 220 19.45 25.75 -15.14
CA LYS A 220 19.79 27.16 -14.98
C LYS A 220 21.29 27.45 -14.84
N LYS A 221 22.09 26.45 -14.45
CA LYS A 221 23.52 26.67 -14.38
C LYS A 221 24.24 25.94 -15.52
N TYR A 222 23.44 25.42 -16.46
CA TYR A 222 23.97 24.72 -17.60
C TYR A 222 24.77 25.63 -18.53
N ASN A 223 25.91 25.10 -18.94
CA ASN A 223 26.80 25.71 -19.90
C ASN A 223 27.04 24.67 -21.00
N SER A 224 27.01 25.06 -22.27
CA SER A 224 27.05 24.07 -23.36
C SER A 224 28.32 23.23 -23.41
N THR A 225 29.43 23.82 -22.99
CA THR A 225 30.71 23.13 -23.01
C THR A 225 31.08 22.64 -21.61
N GLY A 226 30.11 22.69 -20.70
CA GLY A 226 30.36 22.34 -19.32
C GLY A 226 31.51 23.14 -18.74
N ALA A 227 31.70 24.36 -19.24
CA ALA A 227 32.78 25.22 -18.80
C ALA A 227 32.70 25.43 -17.29
N GLY A 228 33.83 25.25 -16.61
CA GLY A 228 33.89 25.43 -15.17
C GLY A 228 33.15 24.39 -14.34
N ILE A 229 32.82 23.25 -14.95
CA ILE A 229 32.11 22.21 -14.23
C ILE A 229 32.96 21.66 -13.10
N SER A 230 32.33 21.43 -11.95
CA SER A 230 33.01 20.83 -10.81
C SER A 230 32.00 20.13 -9.91
N ASN A 231 32.48 19.37 -8.94
CA ASN A 231 31.61 18.70 -8.00
C ASN A 231 30.85 19.73 -7.15
N GLU A 232 31.43 20.93 -7.02
CA GLU A 232 30.82 22.03 -6.27
C GLU A 232 29.90 22.88 -7.12
N ASN A 233 29.96 22.70 -8.44
CA ASN A 233 29.25 23.56 -9.37
C ASN A 233 29.00 22.86 -10.70
N TRP A 234 27.84 22.22 -10.83
CA TRP A 234 27.59 21.41 -12.01
C TRP A 234 26.96 22.23 -13.13
N THR A 235 27.76 22.48 -14.17
CA THR A 235 27.32 23.21 -15.34
C THR A 235 27.06 22.26 -16.54
N GLY A 236 27.15 20.96 -16.29
CA GLY A 236 27.05 19.97 -17.35
C GLY A 236 25.63 19.55 -17.73
N GLY A 237 24.62 20.13 -17.07
CA GLY A 237 23.24 19.81 -17.39
C GLY A 237 22.74 18.49 -16.81
N VAL A 238 21.57 18.06 -17.28
CA VAL A 238 20.92 16.84 -16.78
C VAL A 238 19.79 16.44 -17.71
N SER A 239 19.40 15.17 -17.67
CA SER A 239 18.23 14.69 -18.38
C SER A 239 17.38 13.84 -17.46
N ILE A 240 16.07 14.09 -17.46
CA ILE A 240 15.15 13.43 -16.52
C ILE A 240 13.86 13.07 -17.25
N SER A 241 13.25 11.95 -16.89
CA SER A 241 11.90 11.63 -17.31
C SER A 241 11.07 10.98 -16.19
N VAL A 242 9.77 10.83 -16.45
CA VAL A 242 8.84 10.22 -15.51
C VAL A 242 8.04 9.14 -16.24
N ILE A 243 8.14 7.90 -15.75
CA ILE A 243 7.38 6.80 -16.31
C ILE A 243 6.20 6.43 -15.41
N LYS A 244 5.00 6.35 -16.00
CA LYS A 244 3.77 5.93 -15.33
C LYS A 244 3.58 4.42 -15.46
N SER A 245 3.75 3.71 -14.35
CA SER A 245 3.93 2.25 -14.40
C SER A 245 2.69 1.49 -14.85
N SER A 246 1.51 2.06 -14.60
CA SER A 246 0.27 1.39 -14.99
C SER A 246 0.14 1.27 -16.51
N GLU A 247 0.96 2.02 -17.24
CA GLU A 247 0.90 2.03 -18.72
C GLU A 247 1.92 1.11 -19.41
N LEU A 248 2.76 0.46 -18.62
CA LEU A 248 3.82 -0.40 -19.18
C LEU A 248 3.31 -1.69 -19.82
N SER A 249 2.23 -2.27 -19.31
CA SER A 249 1.70 -3.50 -19.89
C SER A 249 1.23 -3.25 -21.33
N ALA A 250 0.54 -2.13 -21.56
CA ALA A 250 0.12 -1.75 -22.91
C ALA A 250 1.31 -1.44 -23.78
N LEU A 251 2.36 -0.86 -23.19
CA LEU A 251 3.58 -0.60 -23.95
C LEU A 251 4.20 -1.91 -24.41
N ALA A 252 4.28 -2.88 -23.51
CA ALA A 252 4.81 -4.20 -23.85
C ALA A 252 3.97 -4.85 -24.95
N ALA A 253 2.64 -4.73 -24.85
CA ALA A 253 1.74 -5.26 -25.86
C ALA A 253 1.90 -4.53 -27.20
N ALA A 254 2.11 -3.22 -27.15
CA ALA A 254 2.33 -2.44 -28.37
C ALA A 254 3.67 -2.81 -28.99
N THR A 255 4.64 -3.15 -28.15
CA THR A 255 5.97 -3.56 -28.63
C THR A 255 5.91 -4.87 -29.40
N ARG A 256 5.16 -5.83 -28.87
CA ARG A 256 5.04 -7.14 -29.48
C ARG A 256 4.49 -7.01 -30.88
N ASP A 257 3.48 -6.17 -31.05
CA ASP A 257 2.85 -5.96 -32.35
C ASP A 257 3.83 -5.37 -33.36
N VAL A 258 4.70 -4.49 -32.90
CA VAL A 258 5.69 -3.89 -33.79
C VAL A 258 6.66 -4.97 -34.27
N LEU A 259 7.13 -5.79 -33.34
CA LEU A 259 8.06 -6.87 -33.66
C LEU A 259 7.49 -7.89 -34.63
N GLN A 260 6.17 -7.99 -34.72
CA GLN A 260 5.55 -8.94 -35.67
C GLN A 260 5.75 -8.53 -37.12
N THR A 261 6.40 -7.40 -37.34
CA THR A 261 6.66 -6.87 -38.68
C THR A 261 8.10 -6.40 -38.80
N ILE A 273 22.69 0.60 -35.34
CA ILE A 273 22.91 0.86 -33.92
C ILE A 273 23.63 2.19 -33.74
N SER A 274 24.46 2.53 -34.73
CA SER A 274 25.20 3.80 -34.75
C SER A 274 24.26 5.00 -34.86
N SER A 275 23.05 4.76 -35.36
CA SER A 275 22.09 5.82 -35.62
C SER A 275 21.11 6.04 -34.47
N ILE A 276 21.21 5.20 -33.44
CA ILE A 276 20.36 5.32 -32.26
C ILE A 276 21.11 6.02 -31.13
N LEU A 277 20.48 7.04 -30.54
CA LEU A 277 21.07 7.74 -29.39
C LEU A 277 21.51 6.76 -28.30
N CYS A 278 22.76 6.91 -27.86
CA CYS A 278 23.36 6.05 -26.85
C CYS A 278 23.66 6.84 -25.57
N TYR A 279 23.22 6.32 -24.42
CA TYR A 279 23.34 7.05 -23.14
C TYR A 279 24.66 6.80 -22.40
N ASP A 280 25.39 5.76 -22.80
CA ASP A 280 26.77 5.58 -22.33
C ASP A 280 27.76 5.43 -23.49
N PRO A 281 27.93 6.50 -24.31
CA PRO A 281 28.69 6.38 -25.55
C PRO A 281 30.20 6.31 -25.33
N LEU A 282 30.66 6.66 -24.14
CA LEU A 282 32.09 6.71 -23.89
C LEU A 282 32.53 5.47 -23.14
N ARG A 283 31.56 4.61 -22.82
CA ARG A 283 31.83 3.36 -22.12
C ARG A 283 31.36 2.13 -22.91
N GLU A 284 30.58 1.26 -22.29
CA GLU A 284 30.26 -0.03 -22.90
C GLU A 284 29.13 0.01 -23.95
N ASN A 285 28.46 1.16 -24.10
CA ASN A 285 27.36 1.30 -25.05
C ASN A 285 26.24 0.30 -24.74
N ASN A 286 25.96 0.16 -23.45
CA ASN A 286 24.91 -0.72 -22.95
C ASN A 286 23.53 -0.09 -23.08
N TYR A 287 23.47 1.23 -23.20
CA TYR A 287 22.22 1.98 -23.11
C TYR A 287 21.86 2.81 -24.34
N HIS A 288 20.73 2.50 -24.97
CA HIS A 288 20.24 3.23 -26.12
C HIS A 288 18.82 3.74 -25.93
N ASP A 289 18.46 4.79 -26.63
CA ASP A 289 17.11 5.32 -26.52
C ASP A 289 16.07 4.34 -27.09
N LEU A 290 15.10 3.97 -26.24
CA LEU A 290 14.08 3.00 -26.59
C LEU A 290 13.25 3.41 -27.82
N MET A 291 12.84 4.67 -27.89
CA MET A 291 12.08 5.12 -29.06
C MET A 291 12.95 5.08 -30.32
N GLY A 292 14.22 5.42 -30.15
CA GLY A 292 15.18 5.41 -31.24
C GLY A 292 15.34 4.00 -31.77
N LEU A 293 15.35 3.03 -30.86
CA LEU A 293 15.40 1.64 -31.28
C LEU A 293 14.17 1.22 -32.11
N MET A 294 12.97 1.58 -31.64
CA MET A 294 11.73 1.13 -32.27
C MET A 294 11.50 1.79 -33.61
N GLN A 295 11.96 3.03 -33.75
CA GLN A 295 11.86 3.73 -35.02
C GLN A 295 12.68 3.03 -36.09
N SER A 296 13.78 2.41 -35.71
CA SER A 296 14.66 1.81 -36.71
C SER A 296 14.31 0.35 -37.00
N ILE A 297 13.48 -0.26 -36.16
CA ILE A 297 13.14 -1.67 -36.32
C ILE A 297 11.78 -1.86 -36.97
N GLN A 298 10.94 -0.84 -36.86
CA GLN A 298 9.53 -0.94 -37.22
C GLN A 298 9.31 -1.12 -38.73
N GLY A 299 8.45 -2.06 -39.08
CA GLY A 299 8.17 -2.32 -40.48
C GLY A 299 6.72 -2.10 -40.85
N ASN A 300 6.01 -1.29 -40.08
CA ASN A 300 4.61 -0.96 -40.36
C ASN A 300 4.11 0.29 -39.61
N SER A 301 3.65 1.28 -40.37
CA SER A 301 3.23 2.55 -39.76
C SER A 301 2.01 2.43 -38.83
N GLN A 302 1.07 1.55 -39.13
CA GLN A 302 -0.09 1.36 -38.28
C GLN A 302 0.38 0.87 -36.92
N ALA A 303 1.13 -0.22 -36.93
CA ALA A 303 1.69 -0.78 -35.71
C ALA A 303 2.51 0.25 -34.95
N PHE A 304 3.23 1.09 -35.69
CA PHE A 304 4.16 2.02 -35.08
C PHE A 304 3.49 3.26 -34.53
N ASN A 305 2.58 3.84 -35.30
CA ASN A 305 1.86 5.02 -34.84
C ASN A 305 1.07 4.70 -33.57
N HIS A 306 0.67 3.44 -33.41
CA HIS A 306 0.01 3.01 -32.19
C HIS A 306 1.03 2.90 -31.06
N TYR A 307 2.21 2.38 -31.37
CA TYR A 307 3.28 2.27 -30.39
C TYR A 307 3.62 3.63 -29.80
N LYS A 308 3.71 4.65 -30.65
CA LYS A 308 4.06 5.99 -30.18
C LYS A 308 3.01 6.50 -29.19
N GLU A 309 1.74 6.19 -29.43
CA GLU A 309 0.68 6.58 -28.52
C GLU A 309 0.86 5.93 -27.16
N MET A 310 1.12 4.62 -27.15
CA MET A 310 1.32 3.88 -25.91
C MET A 310 2.57 4.37 -25.22
N TYR A 311 3.57 4.75 -26.02
CA TYR A 311 4.80 5.32 -25.48
C TYR A 311 4.51 6.65 -24.80
N LYS A 312 3.73 7.50 -25.45
CA LYS A 312 3.37 8.80 -24.89
C LYS A 312 2.62 8.63 -23.56
N ASN A 313 1.75 7.62 -23.49
CA ASN A 313 0.98 7.33 -22.28
C ASN A 313 1.84 6.91 -21.10
N ALA A 314 2.97 6.25 -21.38
CA ALA A 314 3.81 5.72 -20.31
C ALA A 314 4.87 6.71 -19.87
N VAL A 315 5.47 7.43 -20.83
CA VAL A 315 6.50 8.41 -20.52
C VAL A 315 5.85 9.78 -20.47
N ILE A 316 5.42 10.22 -19.29
CA ILE A 316 4.51 11.37 -19.24
C ILE A 316 5.22 12.72 -19.04
N TRP A 317 6.53 12.69 -18.82
CA TRP A 317 7.28 13.92 -18.59
C TRP A 317 8.70 13.62 -19.03
N LYS A 318 9.35 14.54 -19.75
CA LYS A 318 10.80 14.43 -19.97
C LYS A 318 11.42 15.79 -20.30
N ASN A 319 12.69 15.94 -19.96
CA ASN A 319 13.42 17.14 -20.33
C ASN A 319 14.91 16.90 -20.23
N THR A 320 15.66 17.56 -21.09
CA THR A 320 17.11 17.46 -21.08
C THR A 320 17.72 18.77 -21.56
N THR A 321 18.90 19.09 -21.03
CA THR A 321 19.71 20.12 -21.64
C THR A 321 20.27 19.55 -22.95
N ASP A 322 20.72 20.41 -23.86
CA ASP A 322 21.13 19.93 -25.20
C ASP A 322 22.29 18.93 -25.12
N ASN A 323 23.17 19.14 -24.15
CA ASN A 323 24.25 18.21 -23.87
C ASN A 323 24.14 17.74 -22.44
N ASN A 324 24.73 16.58 -22.15
CA ASN A 324 24.94 16.11 -20.77
C ASN A 324 26.42 15.75 -20.62
N TYR A 325 26.94 15.84 -19.40
CA TYR A 325 28.29 15.40 -19.13
C TYR A 325 28.33 13.87 -18.96
N CYS A 326 29.27 13.22 -19.64
CA CYS A 326 29.40 11.76 -19.56
C CYS A 326 30.85 11.43 -19.34
N THR A 327 31.10 10.24 -18.80
CA THR A 327 32.45 9.89 -18.44
C THR A 327 32.95 8.69 -19.22
N TYR A 328 34.27 8.62 -19.37
CA TYR A 328 34.90 7.42 -19.87
C TYR A 328 35.16 6.51 -18.69
N SER A 329 35.58 5.28 -18.96
CA SER A 329 35.91 4.33 -17.91
C SER A 329 37.09 4.84 -17.07
N SER A 330 37.94 5.66 -17.69
CA SER A 330 39.06 6.29 -16.99
C SER A 330 38.63 7.18 -15.81
N GLY A 331 37.40 7.68 -15.86
CA GLY A 331 36.92 8.63 -14.87
C GLY A 331 36.88 10.04 -15.40
N TYR A 332 37.69 10.31 -16.42
CA TYR A 332 37.61 11.58 -17.12
C TYR A 332 36.30 11.66 -17.91
N GLY A 333 35.97 12.83 -18.42
CA GLY A 333 34.73 12.96 -19.17
C GLY A 333 34.66 14.15 -20.10
N LYS A 334 33.50 14.31 -20.74
CA LYS A 334 33.23 15.44 -21.61
C LYS A 334 31.73 15.56 -21.84
N MET A 335 31.31 16.66 -22.44
CA MET A 335 29.90 16.87 -22.81
C MET A 335 29.53 15.99 -24.01
N VAL A 336 28.34 15.40 -23.97
CA VAL A 336 27.84 14.58 -25.08
C VAL A 336 26.44 15.04 -25.51
N SER A 337 26.16 15.06 -26.81
CA SER A 337 24.88 15.53 -27.31
C SER A 337 23.73 14.60 -26.89
N MET A 338 22.63 15.20 -26.41
CA MET A 338 21.43 14.42 -26.06
C MET A 338 20.39 14.49 -27.18
N ASP A 339 20.82 14.86 -28.38
CA ASP A 339 19.94 14.89 -29.54
C ASP A 339 19.31 13.52 -29.79
N GLY A 340 17.98 13.46 -29.75
CA GLY A 340 17.26 12.21 -29.92
C GLY A 340 16.63 11.67 -28.64
N PHE A 341 16.82 12.40 -27.55
CA PHE A 341 16.39 11.97 -26.22
C PHE A 341 14.88 11.81 -26.10
N GLU A 342 14.44 10.61 -25.73
CA GLU A 342 13.02 10.43 -25.51
C GLU A 342 12.73 9.98 -24.09
N GLY A 343 13.78 9.89 -23.27
CA GLY A 343 13.60 9.76 -21.84
C GLY A 343 13.75 8.38 -21.23
N VAL A 344 13.90 7.35 -22.07
CA VAL A 344 14.00 5.98 -21.56
C VAL A 344 15.06 5.18 -22.30
N SER A 345 15.82 4.35 -21.59
CA SER A 345 16.84 3.53 -22.24
C SER A 345 16.40 2.08 -22.34
N THR A 346 17.14 1.32 -23.14
CA THR A 346 16.89 -0.09 -23.35
C THR A 346 18.19 -0.77 -23.74
N TYR A 347 18.25 -2.09 -23.55
CA TYR A 347 19.34 -2.88 -24.06
C TYR A 347 19.02 -3.39 -25.47
N ILE A 348 19.97 -3.25 -26.39
CA ILE A 348 19.80 -3.82 -27.73
C ILE A 348 20.54 -5.15 -27.83
N LEU A 349 19.80 -6.25 -27.85
CA LEU A 349 20.41 -7.58 -27.93
C LEU A 349 21.34 -7.67 -29.13
N ARG A 350 22.58 -8.07 -28.87
CA ARG A 350 23.57 -8.13 -29.92
C ARG A 350 23.91 -9.57 -30.28
N GLU A 351 23.26 -10.52 -29.60
CA GLU A 351 23.42 -11.95 -29.89
C GLU A 351 24.88 -12.40 -29.85
N ASN A 352 25.53 -12.23 -28.71
CA ASN A 352 26.96 -12.48 -28.63
C ASN A 352 27.37 -13.54 -27.61
N ASN A 353 26.37 -14.22 -27.07
CA ASN A 353 26.55 -15.27 -26.06
C ASN A 353 27.19 -14.78 -24.75
N SER A 354 27.29 -13.47 -24.58
CA SER A 354 27.88 -12.87 -23.39
C SER A 354 27.08 -13.24 -22.13
N SER A 355 27.69 -13.06 -20.97
CA SER A 355 27.05 -13.43 -19.70
C SER A 355 25.91 -12.48 -19.36
N GLN A 356 26.02 -11.22 -19.77
CA GLN A 356 24.96 -10.29 -19.43
C GLN A 356 23.72 -10.52 -20.31
N GLU A 357 23.91 -11.01 -21.53
CA GLU A 357 22.77 -11.34 -22.37
C GLU A 357 22.09 -12.61 -21.89
N LYS A 358 22.87 -13.60 -21.50
CA LYS A 358 22.30 -14.82 -20.94
C LYS A 358 21.45 -14.50 -19.71
N TYR A 359 21.94 -13.57 -18.90
CA TYR A 359 21.18 -13.09 -17.75
C TYR A 359 19.92 -12.36 -18.22
N TYR A 360 20.07 -11.48 -19.20
CA TYR A 360 18.94 -10.72 -19.74
C TYR A 360 17.80 -11.64 -20.18
N ARG A 361 18.16 -12.67 -20.94
CA ARG A 361 17.17 -13.55 -21.54
C ARG A 361 16.50 -14.47 -20.53
N GLN A 362 17.03 -14.47 -19.30
CA GLN A 362 16.58 -15.41 -18.31
C GLN A 362 15.86 -14.73 -17.13
N PHE A 363 16.30 -13.53 -16.76
CA PHE A 363 15.81 -12.90 -15.52
C PHE A 363 15.27 -11.49 -15.68
N VAL A 364 15.35 -10.94 -16.90
CA VAL A 364 14.72 -9.67 -17.18
C VAL A 364 13.35 -9.90 -17.80
N GLU A 365 12.29 -9.63 -17.03
CA GLU A 365 10.92 -9.94 -17.43
C GLU A 365 10.53 -9.25 -18.73
N TRP A 366 11.15 -8.11 -18.99
CA TRP A 366 10.83 -7.31 -20.17
C TRP A 366 11.08 -8.08 -21.47
N TYR A 367 12.11 -8.93 -21.44
CA TYR A 367 12.48 -9.77 -22.58
C TYR A 367 11.33 -10.66 -23.07
N SER A 368 10.70 -11.37 -22.15
CA SER A 368 9.55 -12.20 -22.48
C SER A 368 8.24 -11.40 -22.56
N ALA A 369 8.14 -10.30 -21.81
CA ALA A 369 6.90 -9.52 -21.78
C ALA A 369 6.65 -8.78 -23.10
N ALA A 370 7.72 -8.23 -23.67
CA ALA A 370 7.65 -7.49 -24.93
C ALA A 370 7.90 -8.41 -26.12
N ASP A 371 8.01 -9.71 -25.83
CA ASP A 371 8.14 -10.77 -26.83
C ASP A 371 9.39 -10.63 -27.71
N TRP A 372 10.54 -10.46 -27.07
CA TRP A 372 11.78 -10.40 -27.82
C TRP A 372 12.23 -11.81 -28.20
N ASP A 373 11.51 -12.42 -29.14
CA ASP A 373 11.94 -13.67 -29.75
C ASP A 373 12.39 -13.42 -31.20
C ACE B 1 36.52 14.55 -10.84
O ACE B 1 36.17 14.38 -9.66
CH3 ACE B 1 37.95 14.38 -11.25
N VAL B 2 35.69 15.09 -11.76
CA VAL B 2 34.30 15.29 -11.39
C VAL B 2 33.54 13.98 -11.50
N LEU B 3 32.67 13.75 -10.53
CA LEU B 3 32.00 12.45 -10.37
C LEU B 3 30.53 12.47 -10.77
N THR B 4 30.07 11.34 -11.29
CA THR B 4 28.67 11.13 -11.59
C THR B 4 28.17 10.04 -10.65
CAK CKC B 5 27.08 7.18 -12.06
C CKC B 5 26.42 7.25 -10.72
O CKC B 5 25.70 6.35 -10.31
CA CKC B 5 26.60 8.47 -9.84
N CKC B 5 26.90 9.64 -10.68
CAL CKC B 5 25.39 8.80 -8.98
CAH CKC B 5 25.45 10.24 -8.53
CAG CKC B 5 24.20 10.67 -7.75
CAI CKC B 5 24.20 10.16 -6.32
NAM CKC B 5 23.13 10.86 -5.59
N GLY C 9 9.26 -11.90 17.12
CA GLY C 9 8.54 -10.63 17.08
C GLY C 9 7.32 -10.63 17.99
N SER C 10 6.87 -9.44 18.39
CA SER C 10 5.71 -9.31 19.26
C SER C 10 4.49 -8.72 18.56
N ARG C 11 3.32 -8.97 19.12
CA ARG C 11 2.07 -8.42 18.60
C ARG C 11 1.15 -7.91 19.72
N THR C 12 0.51 -6.76 19.48
CA THR C 12 -0.56 -6.27 20.35
C THR C 12 -1.90 -6.25 19.63
N VAL C 13 -2.88 -6.97 20.17
CA VAL C 13 -4.23 -6.92 19.62
C VAL C 13 -5.18 -6.32 20.64
N LEU C 14 -5.94 -5.33 20.19
CA LEU C 14 -7.00 -4.73 20.98
C LEU C 14 -8.35 -5.29 20.54
N VAL C 15 -9.11 -5.87 21.46
CA VAL C 15 -10.52 -6.18 21.17
C VAL C 15 -11.37 -5.03 21.72
N TYR C 16 -12.07 -4.34 20.82
CA TYR C 16 -12.78 -3.11 21.19
C TYR C 16 -14.26 -3.40 21.27
N ILE C 17 -14.76 -3.58 22.48
CA ILE C 17 -16.16 -3.97 22.64
C ILE C 17 -17.06 -2.78 22.94
N ALA C 18 -17.71 -2.26 21.90
CA ALA C 18 -18.73 -1.25 22.06
C ALA C 18 -20.07 -1.96 22.32
N GLY C 19 -20.36 -2.22 23.58
CA GLY C 19 -21.46 -3.11 23.92
C GLY C 19 -22.59 -2.47 24.71
N ASP C 20 -22.61 -1.13 24.77
CA ASP C 20 -23.70 -0.47 25.48
C ASP C 20 -24.87 -0.33 24.53
N ASN C 21 -25.56 -1.45 24.31
CA ASN C 21 -26.62 -1.56 23.32
C ASN C 21 -27.33 -2.90 23.54
N SER C 22 -28.07 -3.38 22.54
CA SER C 22 -28.84 -4.60 22.72
C SER C 22 -27.98 -5.88 22.83
N LEU C 23 -26.70 -5.77 22.51
CA LEU C 23 -25.83 -6.95 22.50
C LEU C 23 -25.02 -7.15 23.78
N SER C 24 -25.27 -6.33 24.80
CA SER C 24 -24.49 -6.41 26.05
C SER C 24 -24.49 -7.81 26.68
N ARG C 25 -25.57 -8.57 26.46
CA ARG C 25 -25.70 -9.93 26.98
C ARG C 25 -24.65 -10.92 26.43
N PHE C 26 -23.98 -10.56 25.33
CA PHE C 26 -22.99 -11.42 24.70
C PHE C 26 -21.56 -11.15 25.17
N ALA C 27 -21.26 -9.91 25.55
CA ALA C 27 -19.89 -9.47 25.83
C ALA C 27 -19.13 -10.35 26.82
N SER C 28 -19.71 -10.53 27.99
CA SER C 28 -19.10 -11.27 29.09
C SER C 28 -18.76 -12.71 28.66
N GLU C 29 -19.65 -13.34 27.89
CA GLU C 29 -19.37 -14.67 27.37
C GLU C 29 -18.12 -14.68 26.47
N ASP C 30 -17.96 -13.64 25.65
CA ASP C 30 -16.82 -13.55 24.73
C ASP C 30 -15.52 -13.32 25.50
N LEU C 31 -15.56 -12.46 26.51
CA LEU C 31 -14.40 -12.27 27.38
C LEU C 31 -13.96 -13.58 28.02
N ASN C 32 -14.92 -14.32 28.58
CA ASN C 32 -14.64 -15.66 29.09
C ASN C 32 -14.00 -16.60 28.05
N GLU C 33 -14.45 -16.52 26.80
CA GLU C 33 -13.87 -17.32 25.73
C GLU C 33 -12.43 -16.86 25.46
N MET C 34 -12.25 -15.55 25.45
CA MET C 34 -10.93 -14.95 25.28
C MET C 34 -9.98 -15.43 26.37
N ILE C 35 -10.50 -15.52 27.59
CA ILE C 35 -9.67 -15.96 28.72
C ILE C 35 -9.23 -17.42 28.51
N GLU C 36 -10.15 -18.23 28.02
CA GLU C 36 -9.86 -19.62 27.69
C GLU C 36 -8.88 -19.71 26.51
N GLY C 37 -9.00 -18.79 25.56
CA GLY C 37 -8.14 -18.79 24.40
C GLY C 37 -6.69 -18.48 24.70
N MET C 38 -6.47 -17.75 25.80
CA MET C 38 -5.11 -17.35 26.17
C MET C 38 -4.25 -18.50 26.68
N GLN C 39 -4.88 -19.66 26.92
CA GLN C 39 -4.14 -20.85 27.33
C GLN C 39 -3.12 -21.28 26.27
N SER C 40 -3.42 -20.98 25.01
CA SER C 40 -2.59 -21.41 23.89
C SER C 40 -1.68 -20.30 23.37
N VAL C 41 -1.53 -19.25 24.16
CA VAL C 41 -0.79 -18.06 23.75
C VAL C 41 0.33 -17.76 24.75
N ASP C 42 1.52 -17.43 24.23
CA ASP C 42 2.62 -16.97 25.07
C ASP C 42 2.48 -15.46 25.33
N ASP C 43 2.09 -15.09 26.54
CA ASP C 43 1.84 -13.68 26.85
C ASP C 43 3.16 -12.93 27.10
N ASN C 44 4.27 -13.67 27.12
CA ASN C 44 5.58 -13.03 27.20
C ASN C 44 5.88 -12.19 25.95
N HIS C 45 5.23 -12.51 24.83
CA HIS C 45 5.49 -11.85 23.55
C HIS C 45 4.23 -11.28 22.93
N ASN C 46 3.09 -11.63 23.51
CA ASN C 46 1.80 -11.27 22.94
C ASN C 46 0.88 -10.61 23.97
N ASN C 47 0.39 -9.43 23.62
CA ASN C 47 -0.50 -8.66 24.47
C ASN C 47 -1.92 -8.63 23.92
N LEU C 48 -2.85 -9.30 24.61
CA LEU C 48 -4.26 -9.19 24.27
C LEU C 48 -4.90 -8.15 25.16
N LEU C 49 -5.23 -7.01 24.56
CA LEU C 49 -5.90 -5.91 25.25
C LEU C 49 -7.40 -5.89 24.96
N VAL C 50 -8.21 -5.62 25.98
CA VAL C 50 -9.65 -5.56 25.82
C VAL C 50 -10.22 -4.27 26.40
N TYR C 51 -10.88 -3.49 25.56
CA TYR C 51 -11.65 -2.35 26.05
C TYR C 51 -13.11 -2.75 26.03
N MET C 52 -13.75 -2.88 27.18
CA MET C 52 -15.16 -3.27 27.16
C MET C 52 -16.09 -2.19 27.69
N ASP C 53 -17.09 -1.82 26.90
CA ASP C 53 -18.15 -0.95 27.40
C ASP C 53 -19.45 -1.72 27.34
N LYS C 54 -20.02 -2.01 28.51
CA LYS C 54 -21.32 -2.68 28.58
C LYS C 54 -22.41 -1.73 29.09
N GLY C 55 -22.04 -0.49 29.33
CA GLY C 55 -22.98 0.48 29.87
C GLY C 55 -22.59 1.02 31.23
N SER C 56 -21.91 0.23 32.05
CA SER C 56 -21.52 0.69 33.38
C SER C 56 -20.28 1.57 33.27
N ASN C 57 -19.26 1.27 34.06
CA ASN C 57 -17.98 1.96 33.95
C ASN C 57 -17.04 1.17 33.04
N PRO C 58 -16.79 1.66 31.82
CA PRO C 58 -15.97 0.91 30.87
C PRO C 58 -14.54 0.73 31.37
N LYS C 59 -13.84 -0.27 30.87
CA LYS C 59 -12.46 -0.52 31.29
C LYS C 59 -11.60 -1.03 30.15
N LEU C 60 -10.30 -0.76 30.23
CA LEU C 60 -9.32 -1.29 29.31
C LEU C 60 -8.41 -2.23 30.08
N ILE C 61 -8.35 -3.48 29.66
CA ILE C 61 -7.55 -4.44 30.37
C ILE C 61 -6.58 -5.17 29.47
N ARG C 62 -5.61 -5.80 30.11
CA ARG C 62 -4.71 -6.74 29.44
C ARG C 62 -4.81 -8.09 30.15
N LEU C 63 -4.90 -9.15 29.38
CA LEU C 63 -4.89 -10.49 29.98
C LEU C 63 -3.46 -11.01 30.14
N ARG C 64 -3.06 -11.30 31.37
CA ARG C 64 -1.73 -11.86 31.62
C ARG C 64 -1.86 -13.24 32.26
N LYS C 65 -0.81 -14.04 32.17
CA LYS C 65 -0.84 -15.37 32.74
C LYS C 65 0.07 -15.47 33.96
N ASP C 66 -0.49 -15.93 35.06
CA ASP C 66 0.28 -16.15 36.29
C ASP C 66 0.14 -17.60 36.75
N LYS C 67 1.15 -18.42 36.43
CA LYS C 67 1.17 -19.84 36.79
C LYS C 67 -0.04 -20.61 36.23
N ASP C 68 -0.13 -20.66 34.90
CA ASP C 68 -1.17 -21.42 34.20
C ASP C 68 -2.60 -20.97 34.51
N VAL C 69 -2.76 -19.68 34.78
CA VAL C 69 -4.09 -19.08 34.93
C VAL C 69 -4.06 -17.65 34.42
N VAL C 70 -5.20 -17.14 33.99
CA VAL C 70 -5.24 -15.83 33.36
C VAL C 70 -5.78 -14.76 34.31
N VAL C 71 -5.03 -13.67 34.42
CA VAL C 71 -5.41 -12.53 35.25
C VAL C 71 -5.83 -11.36 34.35
N GLN C 72 -6.85 -10.61 34.78
CA GLN C 72 -7.24 -9.38 34.10
C GLN C 72 -6.50 -8.18 34.69
N ASP C 73 -5.48 -7.70 34.00
CA ASP C 73 -4.76 -6.52 34.48
C ASP C 73 -5.44 -5.27 33.96
N VAL C 74 -5.88 -4.43 34.90
CA VAL C 74 -6.54 -3.18 34.57
C VAL C 74 -5.50 -2.13 34.16
N ILE C 75 -5.59 -1.68 32.91
CA ILE C 75 -4.76 -0.59 32.39
C ILE C 75 -5.36 0.78 32.69
N ALA C 76 -6.66 0.92 32.47
CA ALA C 76 -7.36 2.16 32.74
C ALA C 76 -8.83 1.87 32.93
N THR C 77 -9.50 2.75 33.67
CA THR C 77 -10.95 2.66 33.85
C THR C 77 -11.52 4.01 33.44
N TYR C 78 -12.80 4.04 33.08
CA TYR C 78 -13.42 5.26 32.62
C TYR C 78 -14.77 5.44 33.29
N ASP C 79 -15.22 6.69 33.33
CA ASP C 79 -16.62 6.98 33.59
C ASP C 79 -17.47 6.43 32.45
N ALA C 80 -18.77 6.31 32.67
CA ALA C 80 -19.69 5.96 31.60
C ALA C 80 -19.46 6.92 30.44
N GLN C 81 -19.34 6.38 29.23
CA GLN C 81 -19.02 7.23 28.09
C GLN C 81 -19.54 6.65 26.78
N ASN C 82 -19.59 7.51 25.76
CA ASN C 82 -20.03 7.11 24.43
C ASN C 82 -18.88 6.47 23.70
N SER C 83 -18.93 5.15 23.55
CA SER C 83 -17.83 4.40 22.95
C SER C 83 -17.64 4.59 21.44
N VAL C 84 -18.62 5.18 20.75
CA VAL C 84 -18.44 5.36 19.29
C VAL C 84 -18.13 6.84 18.94
N ASP C 85 -17.81 7.63 19.97
CA ASP C 85 -17.31 8.99 19.77
C ASP C 85 -15.84 8.94 19.36
N VAL C 86 -15.42 9.82 18.44
CA VAL C 86 -14.07 9.75 17.88
C VAL C 86 -12.97 9.96 18.93
N ASP C 87 -13.14 10.98 19.77
CA ASP C 87 -12.12 11.32 20.75
C ASP C 87 -12.04 10.31 21.89
N VAL C 88 -13.19 9.69 22.22
CA VAL C 88 -13.20 8.59 23.15
C VAL C 88 -12.39 7.41 22.60
N MET C 89 -12.67 7.05 21.35
CA MET C 89 -11.99 5.93 20.70
C MET C 89 -10.51 6.27 20.51
N LYS C 90 -10.23 7.52 20.17
CA LYS C 90 -8.85 7.97 20.00
C LYS C 90 -8.10 7.81 21.30
N ASN C 91 -8.74 8.21 22.38
CA ASN C 91 -8.13 8.11 23.69
C ASN C 91 -7.82 6.66 24.06
N VAL C 92 -8.75 5.75 23.75
CA VAL C 92 -8.55 4.33 24.03
C VAL C 92 -7.34 3.81 23.23
N PHE C 93 -7.30 4.10 21.94
CA PHE C 93 -6.18 3.69 21.10
C PHE C 93 -4.85 4.19 21.65
N THR C 94 -4.79 5.47 21.99
CA THR C 94 -3.55 6.07 22.47
C THR C 94 -3.02 5.39 23.72
N THR C 95 -3.90 5.11 24.67
CA THR C 95 -3.43 4.50 25.90
C THR C 95 -3.05 3.04 25.65
N ALA C 96 -3.76 2.36 24.76
CA ALA C 96 -3.59 0.93 24.59
C ALA C 96 -2.31 0.61 23.84
N PHE C 97 -2.01 1.37 22.79
CA PHE C 97 -0.87 1.04 21.95
C PHE C 97 0.41 1.74 22.39
N SER C 98 0.32 2.76 23.23
CA SER C 98 1.54 3.39 23.75
C SER C 98 2.05 2.60 24.96
N HIS C 99 1.11 2.05 25.73
CA HIS C 99 1.44 1.17 26.86
C HIS C 99 1.98 -0.18 26.42
N TYR C 100 1.50 -0.68 25.29
CA TYR C 100 1.98 -1.95 24.75
C TYR C 100 2.29 -1.83 23.27
N PRO C 101 3.44 -1.22 22.96
CA PRO C 101 3.96 -1.19 21.59
C PRO C 101 4.50 -2.57 21.22
N ALA C 102 4.45 -2.92 19.94
CA ALA C 102 4.89 -4.23 19.48
C ALA C 102 5.39 -4.16 18.04
N ASP C 103 5.84 -5.28 17.51
CA ASP C 103 6.29 -5.33 16.12
C ASP C 103 5.10 -5.34 15.17
N SER C 104 3.95 -5.79 15.63
CA SER C 104 2.74 -5.77 14.81
C SER C 104 1.47 -5.62 15.65
N TYR C 105 0.39 -5.27 14.98
CA TYR C 105 -0.85 -4.95 15.66
C TYR C 105 -2.05 -5.51 14.92
N GLY C 106 -3.07 -5.87 15.70
CA GLY C 106 -4.37 -6.21 15.16
C GLY C 106 -5.43 -5.50 15.98
N VAL C 107 -6.63 -5.42 15.44
CA VAL C 107 -7.74 -4.85 16.19
C VAL C 107 -9.02 -5.58 15.82
N VAL C 108 -9.86 -5.78 16.83
CA VAL C 108 -11.19 -6.37 16.63
C VAL C 108 -12.27 -5.36 16.99
N PHE C 109 -13.15 -5.06 16.04
CA PHE C 109 -14.27 -4.16 16.30
C PHE C 109 -15.58 -4.92 16.53
N TRP C 110 -15.95 -5.01 17.80
CA TRP C 110 -17.11 -5.77 18.29
C TRP C 110 -18.28 -4.82 18.62
N SER C 111 -19.36 -4.88 17.83
CA SER C 111 -20.58 -4.12 18.09
C SER C 111 -21.66 -4.40 17.04
N HIS C 112 -22.66 -3.53 17.02
CA HIS C 112 -23.54 -3.43 15.88
C HIS C 112 -22.79 -2.89 14.69
N GLY C 113 -23.30 -3.16 13.50
CA GLY C 113 -22.72 -2.64 12.27
C GLY C 113 -23.74 -2.59 11.14
N ASP C 114 -23.52 -1.68 10.20
CA ASP C 114 -24.37 -1.55 9.04
C ASP C 114 -23.58 -0.89 7.90
N GLY C 115 -22.41 -1.45 7.61
CA GLY C 115 -21.66 -1.08 6.42
C GLY C 115 -21.31 0.39 6.30
N TRP C 116 -21.51 0.94 5.11
CA TRP C 116 -21.15 2.31 4.81
C TRP C 116 -22.26 3.32 5.12
N LEU C 117 -23.45 2.82 5.47
CA LEU C 117 -24.64 3.67 5.61
C LEU C 117 -24.45 4.82 6.61
N PRO C 118 -24.87 6.04 6.20
CA PRO C 118 -24.72 7.18 7.10
C PRO C 118 -25.71 7.16 8.26
N TYR C 119 -25.27 7.67 9.40
CA TYR C 119 -26.18 7.86 10.53
C TYR C 119 -26.09 9.27 11.05
N ASN C 120 -27.23 9.93 11.14
CA ASN C 120 -27.32 11.24 11.76
C ASN C 120 -27.37 11.15 13.29
N ASN C 121 -26.24 11.41 13.94
CA ASN C 121 -26.18 11.40 15.40
C ASN C 121 -27.00 12.54 16.02
N PRO C 122 -27.56 12.32 17.23
CA PRO C 122 -28.29 13.39 17.91
C PRO C 122 -27.37 14.57 18.23
N SER C 123 -27.91 15.80 18.18
CA SER C 123 -27.11 16.98 18.46
C SER C 123 -26.73 17.01 19.94
N THR C 124 -25.60 17.67 20.23
CA THR C 124 -25.12 17.77 21.60
C THR C 124 -25.84 18.87 22.39
N TRP C 126 -22.55 2.70 8.71
CA TRP C 126 -22.05 3.02 10.04
C TRP C 126 -21.59 1.76 10.79
N TRP C 127 -20.73 1.95 11.79
CA TRP C 127 -20.32 0.86 12.68
C TRP C 127 -20.56 1.27 14.12
N GLY C 128 -20.97 0.33 14.95
CA GLY C 128 -21.01 0.55 16.39
C GLY C 128 -22.22 1.29 16.90
N GLN C 129 -22.70 0.89 18.07
CA GLN C 129 -23.78 1.61 18.72
C GLN C 129 -23.54 1.76 20.22
N ASP C 130 -23.92 2.92 20.75
CA ASP C 130 -23.91 3.19 22.18
C ASP C 130 -25.21 3.89 22.54
N THR C 131 -26.01 3.28 23.42
CA THR C 131 -27.32 3.86 23.79
C THR C 131 -27.36 4.47 25.20
N GLY C 132 -26.19 4.76 25.75
CA GLY C 132 -26.09 5.30 27.10
C GLY C 132 -26.72 6.68 27.23
N ASN C 133 -26.36 7.58 26.31
CA ASN C 133 -26.89 8.93 26.30
C ASN C 133 -27.36 9.32 24.90
N GLY C 134 -28.53 8.82 24.53
CA GLY C 134 -29.01 8.93 23.15
C GLY C 134 -28.50 7.77 22.31
N ASP C 135 -28.98 7.68 21.07
CA ASP C 135 -28.61 6.61 20.14
C ASP C 135 -27.48 7.06 19.23
N ASN C 136 -26.24 6.73 19.62
CA ASN C 136 -25.06 7.15 18.88
C ASN C 136 -24.43 6.01 18.11
N ARG C 137 -23.99 6.29 16.88
CA ARG C 137 -23.35 5.30 16.01
C ARG C 137 -22.23 5.97 15.23
N MET C 138 -21.26 5.18 14.78
CA MET C 138 -20.05 5.74 14.19
C MET C 138 -20.07 5.68 12.67
N ASN C 139 -20.05 6.85 12.05
CA ASN C 139 -19.95 6.90 10.60
C ASN C 139 -18.52 6.49 10.20
N ILE C 140 -18.41 5.87 9.04
CA ILE C 140 -17.15 5.29 8.59
C ILE C 140 -16.04 6.34 8.45
N PRO C 141 -16.36 7.55 7.95
CA PRO C 141 -15.30 8.56 7.97
C PRO C 141 -14.76 8.87 9.38
N ASP C 142 -15.61 8.90 10.39
CA ASP C 142 -15.16 9.13 11.77
C ASP C 142 -14.33 7.98 12.28
N LEU C 143 -14.77 6.76 12.02
CA LEU C 143 -13.97 5.58 12.31
C LEU C 143 -12.62 5.69 11.61
N ASN C 144 -12.63 6.16 10.36
CA ASN C 144 -11.40 6.37 9.60
C ASN C 144 -10.50 7.38 10.32
N GLU C 145 -11.10 8.46 10.83
CA GLU C 145 -10.38 9.47 11.60
C GLU C 145 -9.78 8.93 12.91
N ALA C 146 -10.57 8.17 13.68
CA ALA C 146 -10.06 7.58 14.92
C ALA C 146 -8.85 6.68 14.69
N LEU C 147 -8.91 5.87 13.63
CA LEU C 147 -7.86 4.91 13.30
C LEU C 147 -6.53 5.60 12.93
N SER C 148 -6.60 6.89 12.63
CA SER C 148 -5.40 7.64 12.21
C SER C 148 -4.47 7.97 13.38
N VAL C 149 -4.91 7.79 14.62
CA VAL C 149 -4.03 8.00 15.76
C VAL C 149 -3.49 6.65 16.24
N ALA C 150 -3.86 5.59 15.53
CA ALA C 150 -3.44 4.23 15.88
C ALA C 150 -2.29 3.78 14.99
N PRO C 151 -1.58 2.70 15.36
CA PRO C 151 -0.60 2.16 14.42
C PRO C 151 -1.28 1.55 13.19
N HIS C 152 -0.50 1.28 12.15
CA HIS C 152 -0.99 0.50 11.04
C HIS C 152 -1.24 -0.94 11.51
N PHE C 153 -2.37 -1.51 11.12
CA PHE C 153 -2.70 -2.87 11.54
C PHE C 153 -2.39 -3.92 10.46
N ASP C 154 -1.88 -5.06 10.91
CA ASP C 154 -1.83 -6.24 10.07
C ASP C 154 -3.23 -6.67 9.69
N PHE C 155 -4.16 -6.59 10.64
CA PHE C 155 -5.55 -6.93 10.34
C PHE C 155 -6.56 -6.15 11.16
N ILE C 156 -7.76 -6.03 10.60
CA ILE C 156 -8.93 -5.60 11.34
C ILE C 156 -10.01 -6.66 11.23
N LEU C 157 -10.48 -7.18 12.37
CA LEU C 157 -11.62 -8.10 12.37
C LEU C 157 -12.91 -7.37 12.78
N PHE C 158 -13.86 -7.30 11.86
CA PHE C 158 -15.17 -6.74 12.16
C PHE C 158 -16.13 -7.81 12.67
N ASP C 159 -16.25 -7.92 13.99
CA ASP C 159 -17.25 -8.79 14.62
C ASP C 159 -18.58 -8.04 14.72
N ALA C 160 -19.21 -7.84 13.57
CA ALA C 160 -20.34 -6.93 13.40
C ALA C 160 -20.99 -7.16 12.04
N CYS C 161 -22.27 -6.84 11.95
CA CYS C 161 -23.05 -7.09 10.73
C CYS C 161 -22.58 -6.21 9.56
N TYR C 162 -22.52 -6.83 8.38
CA TYR C 162 -22.49 -6.09 7.11
C TYR C 162 -21.25 -5.26 6.86
N MET C 163 -20.16 -5.57 7.55
CA MET C 163 -18.99 -4.72 7.42
C MET C 163 -18.09 -5.12 6.24
N GLN C 164 -18.20 -6.35 5.74
CA GLN C 164 -17.40 -6.71 4.55
C GLN C 164 -18.03 -6.13 3.30
N SER C 165 -17.98 -4.80 3.25
CA SER C 165 -18.49 -3.98 2.17
C SER C 165 -17.30 -3.40 1.39
N VAL C 166 -17.35 -3.47 0.06
CA VAL C 166 -16.26 -2.96 -0.76
C VAL C 166 -16.08 -1.49 -0.46
N GLU C 167 -17.18 -0.80 -0.14
CA GLU C 167 -17.13 0.62 0.15
C GLU C 167 -16.46 0.88 1.50
N VAL C 168 -16.71 0.02 2.47
CA VAL C 168 -16.13 0.20 3.78
C VAL C 168 -14.63 -0.06 3.75
N VAL C 169 -14.25 -1.21 3.20
CA VAL C 169 -12.85 -1.62 3.13
C VAL C 169 -12.03 -0.69 2.21
N TYR C 170 -12.62 -0.19 1.15
CA TYR C 170 -11.89 0.77 0.34
C TYR C 170 -11.67 2.09 1.07
N GLN C 171 -12.67 2.55 1.83
CA GLN C 171 -12.54 3.80 2.58
C GLN C 171 -11.50 3.71 3.67
N LEU C 172 -11.36 2.51 4.23
CA LEU C 172 -10.42 2.26 5.34
C LEU C 172 -9.10 1.62 4.93
N ARG C 173 -8.87 1.49 3.63
CA ARG C 173 -7.79 0.65 3.11
C ARG C 173 -6.37 1.00 3.62
N ASN C 174 -6.14 2.25 3.98
CA ASN C 174 -4.81 2.65 4.43
C ASN C 174 -4.55 2.32 5.89
N ARG C 175 -5.59 1.82 6.57
CA ARG C 175 -5.49 1.55 7.99
C ARG C 175 -5.04 0.12 8.31
N ALA C 176 -5.22 -0.81 7.37
CA ALA C 176 -4.86 -2.21 7.62
C ALA C 176 -4.52 -2.97 6.35
N ASP C 177 -3.71 -4.01 6.49
CA ASP C 177 -3.38 -4.91 5.38
C ASP C 177 -4.53 -5.86 5.02
N TYR C 178 -5.24 -6.34 6.02
CA TYR C 178 -6.31 -7.32 5.79
C TYR C 178 -7.58 -6.96 6.55
N PHE C 179 -8.72 -7.18 5.90
CA PHE C 179 -10.02 -7.03 6.54
C PHE C 179 -10.76 -8.35 6.58
N ILE C 180 -11.22 -8.72 7.77
CA ILE C 180 -12.03 -9.92 7.97
C ILE C 180 -13.44 -9.57 8.44
N GLY C 181 -14.46 -10.18 7.85
CA GLY C 181 -15.80 -10.04 8.36
C GLY C 181 -16.83 -10.73 7.49
N SER C 182 -18.10 -10.38 7.69
CA SER C 182 -19.19 -10.92 6.88
C SER C 182 -19.86 -9.83 6.06
N PRO C 183 -20.29 -10.16 4.83
CA PRO C 183 -21.08 -9.24 4.00
C PRO C 183 -22.52 -9.20 4.46
N THR C 184 -22.97 -10.24 5.16
CA THR C 184 -24.33 -10.25 5.70
C THR C 184 -24.35 -10.15 7.24
N GLU C 185 -25.39 -10.66 7.89
CA GLU C 185 -25.47 -10.57 9.34
C GLU C 185 -24.52 -11.55 10.04
N ILE C 186 -23.87 -11.05 11.09
CA ILE C 186 -23.05 -11.85 11.99
C ILE C 186 -23.90 -12.35 13.14
N PRO C 187 -23.79 -13.64 13.48
CA PRO C 187 -24.55 -14.18 14.62
C PRO C 187 -24.31 -13.43 15.95
N GLY C 188 -25.37 -13.29 16.74
CA GLY C 188 -25.28 -12.67 18.06
C GLY C 188 -24.05 -13.03 18.87
N PRO C 189 -23.79 -14.35 19.06
CA PRO C 189 -22.61 -14.83 19.80
C PRO C 189 -21.26 -14.40 19.23
N GLY C 190 -21.21 -13.96 17.99
CA GLY C 190 -19.98 -13.49 17.40
C GLY C 190 -18.93 -14.56 17.18
N ALA C 191 -17.66 -14.16 17.33
CA ALA C 191 -16.54 -15.09 17.23
C ALA C 191 -16.52 -16.06 18.40
N PRO C 192 -16.03 -17.28 18.15
CA PRO C 192 -15.64 -18.24 19.18
C PRO C 192 -14.19 -17.95 19.62
N TYR C 193 -14.05 -17.02 20.56
CA TYR C 193 -12.73 -16.47 20.87
C TYR C 193 -11.76 -17.49 21.46
N GLU C 194 -12.29 -18.60 21.95
CA GLU C 194 -11.46 -19.65 22.50
C GLU C 194 -10.55 -20.26 21.41
N VAL C 195 -10.99 -20.20 20.14
CA VAL C 195 -10.09 -20.59 19.06
C VAL C 195 -9.64 -19.42 18.18
N VAL C 196 -10.35 -18.30 18.23
CA VAL C 196 -9.95 -17.14 17.42
C VAL C 196 -8.78 -16.39 18.06
N VAL C 197 -8.71 -16.43 19.38
CA VAL C 197 -7.66 -15.73 20.10
C VAL C 197 -6.26 -16.28 19.78
N PRO C 198 -6.10 -17.62 19.70
CA PRO C 198 -4.77 -18.03 19.23
C PRO C 198 -4.50 -17.58 17.80
N ALA C 199 -5.54 -17.50 16.96
CA ALA C 199 -5.34 -17.09 15.57
C ALA C 199 -5.02 -15.59 15.47
N LEU C 200 -5.47 -14.82 16.46
CA LEU C 200 -5.13 -13.40 16.50
C LEU C 200 -3.62 -13.21 16.63
N PHE C 201 -2.95 -14.18 17.24
CA PHE C 201 -1.49 -14.11 17.42
C PHE C 201 -0.74 -15.12 16.56
N ALA C 202 -1.37 -15.65 15.51
CA ALA C 202 -0.67 -16.52 14.56
C ALA C 202 0.47 -15.77 13.92
N VAL C 203 1.65 -16.40 13.91
CA VAL C 203 2.81 -15.83 13.26
C VAL C 203 2.60 -15.74 11.74
N ASN C 204 1.98 -16.78 11.16
CA ASN C 204 1.76 -16.82 9.72
C ASN C 204 0.29 -16.63 9.34
N SER C 205 0.05 -15.78 8.35
CA SER C 205 -1.28 -15.46 7.83
C SER C 205 -2.34 -15.40 8.93
N PRO C 206 -2.23 -14.41 9.85
CA PRO C 206 -3.20 -14.30 10.94
C PRO C 206 -4.64 -14.13 10.43
N ALA C 207 -4.83 -13.34 9.38
CA ALA C 207 -6.18 -13.06 8.89
C ALA C 207 -6.88 -14.32 8.42
N VAL C 208 -6.14 -15.18 7.72
CA VAL C 208 -6.70 -16.42 7.22
C VAL C 208 -6.95 -17.39 8.38
N SER C 209 -6.01 -17.41 9.31
CA SER C 209 -6.16 -18.19 10.53
C SER C 209 -7.44 -17.79 11.31
N ILE C 210 -7.63 -16.49 11.52
CA ILE C 210 -8.83 -15.97 12.18
C ILE C 210 -10.11 -16.46 11.49
N ALA C 211 -10.17 -16.27 10.18
CA ALA C 211 -11.35 -16.64 9.40
C ALA C 211 -11.67 -18.14 9.49
N GLU C 212 -10.64 -18.97 9.31
CA GLU C 212 -10.79 -20.43 9.38
C GLU C 212 -11.41 -20.87 10.70
N ASN C 213 -10.87 -20.37 11.81
CA ASN C 213 -11.37 -20.72 13.14
C ASN C 213 -12.76 -20.16 13.42
N TYR C 214 -13.01 -18.93 13.01
CA TYR C 214 -14.33 -18.33 13.22
C TYR C 214 -15.36 -19.21 12.48
N TYR C 215 -15.12 -19.45 11.19
CA TYR C 215 -16.03 -20.23 10.38
C TYR C 215 -16.23 -21.66 10.89
N SER C 216 -15.13 -22.30 11.26
CA SER C 216 -15.13 -23.72 11.64
C SER C 216 -16.14 -24.07 12.72
N VAL C 217 -16.25 -23.22 13.73
CA VAL C 217 -17.12 -23.55 14.84
C VAL C 217 -18.57 -23.47 14.38
N TYR C 218 -18.92 -22.40 13.67
CA TYR C 218 -20.27 -22.26 13.18
C TYR C 218 -20.64 -23.33 12.17
N ALA C 219 -19.67 -23.74 11.33
CA ALA C 219 -19.91 -24.75 10.31
C ALA C 219 -20.20 -26.11 10.92
N LYS C 220 -19.60 -26.38 12.08
CA LYS C 220 -19.82 -27.65 12.77
C LYS C 220 -21.21 -27.74 13.42
N LYS C 221 -21.73 -26.61 13.89
CA LYS C 221 -23.04 -26.55 14.55
C LYS C 221 -24.18 -26.32 13.55
N TYR C 222 -23.83 -26.10 12.30
CA TYR C 222 -24.80 -25.69 11.29
C TYR C 222 -25.86 -26.75 10.99
N ASN C 223 -27.07 -26.26 10.78
CA ASN C 223 -28.19 -27.07 10.37
C ASN C 223 -28.96 -26.31 9.29
N SER C 224 -29.33 -26.99 8.21
CA SER C 224 -29.93 -26.34 7.03
C SER C 224 -31.19 -25.52 7.30
N THR C 225 -32.02 -25.97 8.25
CA THR C 225 -33.23 -25.26 8.58
C THR C 225 -33.06 -24.43 9.86
N GLY C 226 -31.83 -24.36 10.36
CA GLY C 226 -31.56 -23.66 11.61
C GLY C 226 -32.34 -24.23 12.77
N ALA C 227 -32.54 -25.55 12.77
CA ALA C 227 -33.25 -26.24 13.82
C ALA C 227 -32.61 -25.99 15.19
N GLY C 228 -33.40 -25.56 16.15
CA GLY C 228 -32.93 -25.36 17.51
C GLY C 228 -32.12 -24.10 17.74
N ILE C 229 -32.15 -23.19 16.76
CA ILE C 229 -31.31 -22.00 16.84
C ILE C 229 -31.69 -21.12 18.04
N SER C 230 -30.67 -20.59 18.71
CA SER C 230 -30.87 -19.74 19.87
C SER C 230 -29.64 -18.87 20.13
N ASN C 231 -29.81 -17.86 20.97
CA ASN C 231 -28.69 -17.00 21.36
C ASN C 231 -27.59 -17.82 22.04
N GLU C 232 -27.95 -18.94 22.66
CA GLU C 232 -26.99 -19.80 23.34
C GLU C 232 -26.53 -20.98 22.48
N ASN C 233 -27.16 -21.18 21.32
CA ASN C 233 -26.84 -22.32 20.47
C ASN C 233 -27.08 -22.05 18.98
N TRP C 234 -26.10 -21.46 18.31
CA TRP C 234 -26.27 -21.00 16.93
C TRP C 234 -26.10 -22.10 15.88
N THR C 235 -27.18 -22.43 15.19
CA THR C 235 -27.19 -23.46 14.17
C THR C 235 -27.47 -22.89 12.78
N GLY C 236 -27.48 -21.56 12.67
CA GLY C 236 -27.77 -20.89 11.41
C GLY C 236 -26.55 -20.70 10.51
N GLY C 237 -25.39 -21.14 10.95
CA GLY C 237 -24.19 -20.98 10.14
C GLY C 237 -23.68 -19.56 10.10
N VAL C 238 -22.74 -19.31 9.20
CA VAL C 238 -22.06 -18.01 9.08
C VAL C 238 -21.41 -17.90 7.69
N SER C 239 -21.14 -16.68 7.23
CA SER C 239 -20.32 -16.48 6.03
C SER C 239 -19.22 -15.45 6.31
N ILE C 240 -17.99 -15.79 5.95
CA ILE C 240 -16.84 -14.96 6.24
C ILE C 240 -15.94 -14.83 5.01
N SER C 241 -15.31 -13.67 4.82
CA SER C 241 -14.28 -13.54 3.83
C SER C 241 -13.11 -12.70 4.36
N VAL C 242 -11.99 -12.76 3.65
CA VAL C 242 -10.80 -11.97 3.93
C VAL C 242 -10.41 -11.14 2.70
N ILE C 243 -10.30 -9.83 2.88
CA ILE C 243 -9.90 -8.93 1.81
C ILE C 243 -8.49 -8.39 2.06
N LYS C 244 -7.64 -8.46 1.03
CA LYS C 244 -6.29 -7.89 1.07
C LYS C 244 -6.32 -6.47 0.50
N SER C 245 -6.11 -5.48 1.37
CA SER C 245 -6.39 -4.08 1.03
C SER C 245 -5.44 -3.49 0.00
N SER C 246 -4.25 -4.08 -0.13
CA SER C 246 -3.27 -3.60 -1.11
C SER C 246 -3.74 -3.91 -2.54
N GLU C 247 -4.74 -4.78 -2.67
CA GLU C 247 -5.20 -5.19 -3.98
C GLU C 247 -6.48 -4.47 -4.42
N LEU C 248 -6.89 -3.47 -3.63
CA LEU C 248 -8.12 -2.72 -3.87
C LEU C 248 -8.00 -1.64 -4.94
N SER C 249 -6.83 -0.99 -5.04
CA SER C 249 -6.59 -0.05 -6.14
C SER C 249 -6.71 -0.71 -7.50
N ALA C 250 -6.11 -1.90 -7.64
CA ALA C 250 -6.13 -2.62 -8.90
C ALA C 250 -7.56 -3.06 -9.20
N LEU C 251 -8.32 -3.36 -8.15
CA LEU C 251 -9.70 -3.77 -8.33
C LEU C 251 -10.53 -2.60 -8.80
N ALA C 252 -10.27 -1.40 -8.25
CA ALA C 252 -11.01 -0.19 -8.65
C ALA C 252 -10.75 0.11 -10.12
N ALA C 253 -9.50 -0.03 -10.55
CA ALA C 253 -9.09 0.21 -11.92
C ALA C 253 -9.77 -0.75 -12.91
N ALA C 254 -9.80 -2.03 -12.54
CA ALA C 254 -10.47 -3.03 -13.36
C ALA C 254 -11.97 -2.77 -13.44
N THR C 255 -12.52 -2.24 -12.36
CA THR C 255 -13.93 -1.86 -12.35
C THR C 255 -14.16 -0.70 -13.32
N ARG C 256 -13.22 0.24 -13.36
CA ARG C 256 -13.32 1.37 -14.28
C ARG C 256 -13.31 0.88 -15.73
N ASP C 257 -12.52 -0.16 -15.99
CA ASP C 257 -12.42 -0.70 -17.34
C ASP C 257 -13.72 -1.40 -17.77
N VAL C 258 -14.38 -2.07 -16.82
CA VAL C 258 -15.59 -2.80 -17.11
C VAL C 258 -16.78 -1.85 -17.32
N LEU C 259 -16.85 -0.80 -16.53
CA LEU C 259 -17.92 0.17 -16.67
C LEU C 259 -17.89 0.88 -18.04
N GLN C 260 -16.70 0.92 -18.66
CA GLN C 260 -16.51 1.63 -19.94
C GLN C 260 -17.16 0.91 -21.14
N THR C 261 -17.61 -0.32 -20.94
CA THR C 261 -18.22 -1.08 -22.02
C THR C 261 -19.62 -1.59 -21.62
N ASP C 272 -31.30 -5.42 -13.30
CA ASP C 272 -32.10 -6.50 -12.74
C ASP C 272 -31.49 -7.03 -11.45
N ILE C 273 -31.86 -6.41 -10.32
CA ILE C 273 -31.23 -6.72 -9.04
C ILE C 273 -31.74 -8.02 -8.41
N SER C 274 -32.86 -8.54 -8.91
CA SER C 274 -33.46 -9.74 -8.32
C SER C 274 -32.66 -10.97 -8.70
N SER C 275 -31.87 -10.86 -9.76
CA SER C 275 -31.03 -11.95 -10.20
C SER C 275 -29.74 -12.05 -9.39
N ILE C 276 -29.45 -10.99 -8.64
CA ILE C 276 -28.21 -10.88 -7.88
C ILE C 276 -28.41 -11.25 -6.41
N LEU C 277 -27.46 -12.01 -5.86
CA LEU C 277 -27.53 -12.38 -4.45
C LEU C 277 -27.59 -11.15 -3.56
N CYS C 278 -28.63 -11.06 -2.74
CA CYS C 278 -28.81 -9.96 -1.80
C CYS C 278 -28.48 -10.43 -0.37
N TYR C 279 -27.72 -9.65 0.36
CA TYR C 279 -27.30 -10.06 1.69
C TYR C 279 -28.23 -9.58 2.80
N ASP C 280 -29.14 -8.65 2.48
CA ASP C 280 -30.21 -8.29 3.41
C ASP C 280 -31.58 -8.37 2.71
N PRO C 281 -31.97 -9.56 2.26
CA PRO C 281 -33.17 -9.69 1.44
C PRO C 281 -34.46 -9.46 2.22
N LEU C 282 -34.43 -9.56 3.55
CA LEU C 282 -35.65 -9.46 4.33
C LEU C 282 -35.85 -8.06 4.86
N ARG C 283 -34.91 -7.17 4.54
CA ARG C 283 -35.04 -5.77 4.95
C ARG C 283 -34.97 -4.80 3.78
N GLU C 284 -34.01 -3.87 3.80
CA GLU C 284 -33.99 -2.78 2.83
C GLU C 284 -33.31 -3.14 1.51
N ASN C 285 -32.75 -4.35 1.42
CA ASN C 285 -32.00 -4.78 0.24
C ASN C 285 -30.94 -3.75 -0.13
N ASN C 286 -30.10 -3.40 0.84
CA ASN C 286 -29.02 -2.45 0.61
C ASN C 286 -27.75 -3.14 0.14
N TYR C 287 -27.62 -4.43 0.45
CA TYR C 287 -26.38 -5.17 0.21
C TYR C 287 -26.53 -6.26 -0.85
N HIS C 288 -25.79 -6.13 -1.95
CA HIS C 288 -25.76 -7.16 -2.98
C HIS C 288 -24.34 -7.65 -3.22
N ASP C 289 -24.20 -8.92 -3.60
CA ASP C 289 -22.90 -9.48 -3.95
C ASP C 289 -22.21 -8.70 -5.08
N LEU C 290 -20.95 -8.37 -4.86
CA LEU C 290 -20.18 -7.55 -5.78
C LEU C 290 -19.92 -8.25 -7.12
N MET C 291 -19.48 -9.52 -7.06
CA MET C 291 -19.22 -10.27 -8.29
C MET C 291 -20.51 -10.45 -9.07
N GLY C 292 -21.60 -10.72 -8.35
CA GLY C 292 -22.91 -10.86 -8.98
C GLY C 292 -23.33 -9.63 -9.76
N LEU C 293 -23.05 -8.46 -9.19
CA LEU C 293 -23.32 -7.19 -9.86
C LEU C 293 -22.49 -7.06 -11.15
N MET C 294 -21.19 -7.31 -11.05
CA MET C 294 -20.31 -7.08 -12.18
C MET C 294 -20.50 -8.12 -13.28
N GLN C 295 -21.03 -9.29 -12.91
CA GLN C 295 -21.38 -10.31 -13.89
C GLN C 295 -22.56 -9.87 -14.76
N SER C 296 -23.54 -9.21 -14.14
CA SER C 296 -24.75 -8.79 -14.86
C SER C 296 -24.47 -7.60 -15.75
N ILE C 297 -23.55 -6.75 -15.30
CA ILE C 297 -23.30 -5.47 -15.95
C ILE C 297 -22.31 -5.60 -17.12
N GLN C 298 -21.38 -6.55 -17.00
CA GLN C 298 -20.33 -6.81 -17.98
C GLN C 298 -20.78 -6.71 -19.43
N GLY C 299 -19.98 -6.05 -20.25
CA GLY C 299 -20.27 -5.92 -21.67
C GLY C 299 -19.10 -6.27 -22.57
N ASN C 300 -18.09 -6.90 -21.99
CA ASN C 300 -16.88 -7.27 -22.73
C ASN C 300 -16.10 -8.35 -21.99
N SER C 301 -15.91 -9.50 -22.61
CA SER C 301 -15.32 -10.63 -21.89
C SER C 301 -13.84 -10.41 -21.53
N GLN C 302 -13.10 -9.71 -22.37
CA GLN C 302 -11.71 -9.38 -22.09
C GLN C 302 -11.55 -8.60 -20.79
N ALA C 303 -12.35 -7.54 -20.66
CA ALA C 303 -12.35 -6.69 -19.46
C ALA C 303 -12.92 -7.41 -18.25
N PHE C 304 -13.91 -8.28 -18.45
CA PHE C 304 -14.48 -8.99 -17.31
C PHE C 304 -13.51 -10.06 -16.81
N ASN C 305 -12.86 -10.74 -17.73
CA ASN C 305 -11.94 -11.80 -17.33
C ASN C 305 -10.79 -11.23 -16.51
N HIS C 306 -10.35 -10.02 -16.85
CA HIS C 306 -9.32 -9.34 -16.07
C HIS C 306 -9.89 -8.94 -14.69
N TYR C 307 -11.15 -8.50 -14.67
CA TYR C 307 -11.81 -8.16 -13.41
C TYR C 307 -11.82 -9.33 -12.43
N LYS C 308 -12.21 -10.51 -12.91
CA LYS C 308 -12.24 -11.69 -12.05
C LYS C 308 -10.84 -11.99 -11.50
N GLU C 309 -9.83 -11.80 -12.33
CA GLU C 309 -8.44 -12.00 -11.90
C GLU C 309 -8.13 -11.08 -10.72
N MET C 310 -8.40 -9.78 -10.91
CA MET C 310 -8.12 -8.79 -9.88
C MET C 310 -8.97 -9.02 -8.63
N TYR C 311 -10.21 -9.46 -8.83
CA TYR C 311 -11.08 -9.82 -7.71
C TYR C 311 -10.51 -10.95 -6.87
N LYS C 312 -9.94 -11.95 -7.54
CA LYS C 312 -9.30 -13.07 -6.86
C LYS C 312 -8.05 -12.63 -6.08
N ASN C 313 -7.36 -11.60 -6.56
CA ASN C 313 -6.21 -11.07 -5.82
C ASN C 313 -6.66 -10.31 -4.55
N ALA C 314 -7.84 -9.72 -4.59
CA ALA C 314 -8.39 -8.95 -3.47
C ALA C 314 -9.04 -9.82 -2.40
N VAL C 315 -9.91 -10.72 -2.81
CA VAL C 315 -10.61 -11.62 -1.91
C VAL C 315 -9.89 -12.97 -1.80
N ILE C 316 -8.99 -13.10 -0.82
CA ILE C 316 -8.05 -14.23 -0.80
C ILE C 316 -8.60 -15.43 -0.05
N TRP C 317 -9.74 -15.25 0.59
CA TRP C 317 -10.34 -16.30 1.39
C TRP C 317 -11.82 -16.01 1.50
N LYS C 318 -12.66 -17.04 1.39
CA LYS C 318 -14.09 -16.87 1.67
C LYS C 318 -14.66 -18.23 2.02
N ASN C 319 -15.74 -18.25 2.79
CA ASN C 319 -16.48 -19.48 3.02
C ASN C 319 -17.84 -19.20 3.62
N THR C 320 -18.76 -20.11 3.38
CA THR C 320 -20.13 -19.97 3.90
C THR C 320 -20.81 -21.32 4.01
N THR C 321 -21.71 -21.45 4.97
CA THR C 321 -22.64 -22.58 4.98
C THR C 321 -23.67 -22.25 3.91
N ASP C 322 -24.41 -23.24 3.43
CA ASP C 322 -25.29 -23.06 2.27
C ASP C 322 -26.40 -21.99 2.48
N ASN C 323 -26.90 -21.89 3.70
CA ASN C 323 -27.83 -20.83 4.12
C ASN C 323 -27.23 -20.08 5.30
N ASN C 324 -27.69 -18.88 5.61
CA ASN C 324 -27.42 -18.34 6.91
C ASN C 324 -28.74 -17.87 7.46
N TYR C 325 -28.70 -17.40 8.70
CA TYR C 325 -29.86 -16.86 9.35
C TYR C 325 -29.92 -15.35 9.07
N CYS C 326 -31.07 -14.85 8.62
CA CYS C 326 -31.27 -13.40 8.40
C CYS C 326 -32.50 -12.93 9.17
N THR C 327 -32.63 -11.64 9.42
CA THR C 327 -33.80 -11.11 10.14
C THR C 327 -34.61 -10.13 9.31
N TYR C 328 -35.91 -10.10 9.56
CA TYR C 328 -36.75 -9.03 9.08
C TYR C 328 -36.56 -7.81 9.98
N SER C 329 -37.20 -6.69 9.62
CA SER C 329 -37.13 -5.49 10.45
C SER C 329 -37.83 -5.69 11.79
N SER C 330 -38.76 -6.65 11.83
CA SER C 330 -39.48 -6.97 13.07
C SER C 330 -38.62 -7.62 14.15
N GLY C 331 -37.40 -8.04 13.79
CA GLY C 331 -36.54 -8.77 14.71
C GLY C 331 -36.69 -10.27 14.55
N TYR C 332 -37.83 -10.71 14.03
CA TYR C 332 -37.96 -12.12 13.67
C TYR C 332 -37.06 -12.45 12.48
N GLY C 333 -36.86 -13.73 12.22
CA GLY C 333 -36.01 -14.12 11.11
C GLY C 333 -36.22 -15.52 10.56
N LYS C 334 -35.33 -15.91 9.64
CA LYS C 334 -35.38 -17.22 8.99
C LYS C 334 -34.09 -17.49 8.22
N MET C 335 -33.90 -18.73 7.80
CA MET C 335 -32.74 -19.11 7.01
C MET C 335 -32.89 -18.60 5.56
N VAL C 336 -31.78 -18.12 5.00
CA VAL C 336 -31.74 -17.55 3.66
C VAL C 336 -30.57 -18.16 2.90
N SER C 337 -30.83 -18.56 1.66
CA SER C 337 -29.83 -19.21 0.83
C SER C 337 -28.67 -18.27 0.49
N MET C 338 -27.45 -18.77 0.65
CA MET C 338 -26.27 -17.98 0.28
C MET C 338 -25.72 -18.35 -1.10
N ASP C 339 -26.58 -18.90 -1.95
CA ASP C 339 -26.20 -19.22 -3.32
C ASP C 339 -25.73 -17.99 -4.10
N GLY C 340 -24.53 -18.09 -4.68
CA GLY C 340 -23.92 -16.99 -5.41
C GLY C 340 -22.95 -16.18 -4.56
N PHE C 341 -22.69 -16.65 -3.34
CA PHE C 341 -21.83 -15.93 -2.39
C PHE C 341 -20.38 -15.83 -2.87
N GLU C 342 -19.88 -14.60 -3.01
CA GLU C 342 -18.48 -14.41 -3.39
C GLU C 342 -17.69 -13.55 -2.37
N GLY C 343 -18.19 -13.41 -1.16
CA GLY C 343 -17.42 -12.80 -0.09
C GLY C 343 -17.54 -11.31 0.19
N VAL C 344 -18.00 -10.53 -0.79
CA VAL C 344 -18.04 -9.07 -0.64
C VAL C 344 -19.37 -8.43 -1.10
N SER C 345 -19.89 -7.51 -0.30
CA SER C 345 -21.13 -6.84 -0.66
C SER C 345 -20.85 -5.51 -1.33
N THR C 346 -21.87 -4.96 -1.98
CA THR C 346 -21.78 -3.64 -2.55
C THR C 346 -23.15 -2.99 -2.60
N TYR C 347 -23.18 -1.69 -2.83
CA TYR C 347 -24.43 -0.97 -3.01
C TYR C 347 -24.71 -0.78 -4.50
N ILE C 348 -25.91 -1.16 -4.95
CA ILE C 348 -26.32 -0.88 -6.34
C ILE C 348 -27.12 0.42 -6.40
N LEU C 349 -26.54 1.43 -7.04
CA LEU C 349 -27.18 2.73 -7.18
C LEU C 349 -28.51 2.59 -7.91
N ARG C 350 -29.55 3.22 -7.39
CA ARG C 350 -30.86 3.07 -8.00
C ARG C 350 -31.34 4.36 -8.66
N GLU C 351 -30.50 5.39 -8.60
CA GLU C 351 -30.83 6.72 -9.13
C GLU C 351 -32.16 7.21 -8.57
N ASN C 352 -32.33 7.08 -7.25
CA ASN C 352 -33.60 7.39 -6.62
C ASN C 352 -33.52 8.66 -5.78
N ASN C 353 -32.34 9.27 -5.75
CA ASN C 353 -32.08 10.51 -5.03
C ASN C 353 -32.45 10.43 -3.54
N SER C 354 -32.28 9.24 -2.97
CA SER C 354 -32.46 9.04 -1.55
C SER C 354 -31.31 9.70 -0.81
N SER C 355 -31.46 9.87 0.50
CA SER C 355 -30.41 10.51 1.27
C SER C 355 -29.16 9.61 1.34
N GLN C 356 -29.34 8.29 1.41
CA GLN C 356 -28.23 7.32 1.34
C GLN C 356 -27.39 7.52 0.09
N GLU C 357 -28.08 7.61 -1.04
CA GLU C 357 -27.45 7.74 -2.32
C GLU C 357 -26.76 9.11 -2.46
N LYS C 358 -27.40 10.17 -2.01
CA LYS C 358 -26.77 11.49 -2.05
C LYS C 358 -25.48 11.47 -1.23
N TYR C 359 -25.53 10.82 -0.07
CA TYR C 359 -24.36 10.67 0.78
C TYR C 359 -23.30 9.80 0.09
N TYR C 360 -23.75 8.69 -0.49
CA TYR C 360 -22.88 7.73 -1.17
C TYR C 360 -22.13 8.41 -2.32
N ARG C 361 -22.88 9.21 -3.06
CA ARG C 361 -22.36 9.94 -4.20
C ARG C 361 -21.34 11.00 -3.77
N GLN C 362 -21.35 11.37 -2.49
CA GLN C 362 -20.52 12.49 -2.04
C GLN C 362 -19.42 12.13 -1.04
N PHE C 363 -19.66 11.17 -0.16
CA PHE C 363 -18.68 10.86 0.88
C PHE C 363 -18.12 9.44 0.82
N VAL C 364 -18.59 8.62 -0.13
CA VAL C 364 -18.02 7.29 -0.32
C VAL C 364 -16.94 7.28 -1.43
N GLU C 365 -15.71 7.03 -1.04
CA GLU C 365 -14.56 7.07 -1.95
C GLU C 365 -14.65 6.10 -3.11
N TRP C 366 -15.18 4.91 -2.85
CA TRP C 366 -15.33 3.88 -3.88
C TRP C 366 -16.11 4.40 -5.08
N TYR C 367 -17.02 5.36 -4.84
CA TYR C 367 -17.91 5.87 -5.88
C TYR C 367 -17.16 6.55 -7.03
N SER C 368 -16.13 7.32 -6.71
CA SER C 368 -15.33 7.96 -7.77
C SER C 368 -14.12 7.12 -8.17
N ALA C 369 -13.57 6.37 -7.23
CA ALA C 369 -12.41 5.53 -7.48
C ALA C 369 -12.69 4.44 -8.54
N ALA C 370 -13.92 3.95 -8.59
CA ALA C 370 -14.28 2.90 -9.54
C ALA C 370 -15.02 3.48 -10.74
N ASP C 371 -15.16 4.80 -10.74
CA ASP C 371 -15.72 5.57 -11.86
C ASP C 371 -17.23 5.40 -12.02
N TRP C 372 -17.92 5.10 -10.92
CA TRP C 372 -19.38 5.01 -10.93
C TRP C 372 -20.01 6.37 -11.19
N ASP C 373 -19.26 7.44 -10.92
CA ASP C 373 -19.73 8.79 -11.22
C ASP C 373 -19.88 9.05 -12.72
N SER C 374 -19.30 8.18 -13.55
CA SER C 374 -19.48 8.28 -15.00
C SER C 374 -20.62 7.38 -15.48
N VAL C 375 -21.61 7.18 -14.61
CA VAL C 375 -22.82 6.43 -14.94
C VAL C 375 -22.50 5.01 -15.42
C ACE D 1 -34.33 -13.68 19.74
O ACE D 1 -33.49 -13.20 20.48
CH3 ACE D 1 -35.80 -13.49 20.02
N VAL D 2 -34.05 -14.18 18.57
CA VAL D 2 -32.66 -14.40 18.31
C VAL D 2 -32.02 -13.16 17.69
N LEU D 3 -30.95 -12.75 18.31
CA LEU D 3 -30.18 -11.58 17.93
C LEU D 3 -29.10 -11.85 16.91
N THR D 4 -28.75 -10.93 15.98
CA THR D 4 -27.58 -10.85 15.13
C THR D 4 -26.82 -9.59 15.50
CAK CKC D 5 -26.51 -7.23 13.13
C CKC D 5 -25.38 -6.99 14.08
O CKC D 5 -24.62 -6.05 13.95
CA CKC D 5 -25.15 -7.94 15.23
N CKC D 5 -25.68 -9.27 14.89
CAL CKC D 5 -23.69 -8.10 15.61
CAH CKC D 5 -23.50 -9.37 16.42
CAG CKC D 5 -22.03 -9.66 16.73
CAI CKC D 5 -21.51 -8.81 17.88
NAM CKC D 5 -20.20 -9.35 18.29
#